data_4DPH
#
_entry.id   4DPH
#
_cell.length_a   57.951
_cell.length_b   156.447
_cell.length_c   164.653
_cell.angle_alpha   90.000
_cell.angle_beta   90.000
_cell.angle_gamma   90.000
#
_symmetry.space_group_name_H-M   'P 21 21 21'
#
loop_
_entity.id
_entity.type
_entity.pdbx_description
1 polymer 'Bifunctional dihydrofolate reductase-thymidylate synthase'
2 non-polymer 2,4-diamino-6-methyl-5-[3-(2,4,5-trichlorophenoxy)propyloxy]pyrimidine
3 non-polymer 'NADPH DIHYDRO-NICOTINAMIDE-ADENINE-DINUCLEOTIDE PHOSPHATE'
4 non-polymer 'PHOSPHATE ION'
5 non-polymer BETA-MERCAPTOETHANOL
6 water water
#
_entity_poly.entity_id   1
_entity_poly.type   'polypeptide(L)'
_entity_poly.pdbx_seq_one_letter_code
;MMEQVCDVFDIYAICACCKVESKNEGKKNEVFNNYTFRGLGNKGVLPWKCISLDMKYFRAVTTYVNESKYEKLKYKRCKY
LNKETVDNVNDMPNSKKLQNVVVMGRTNWESIPKKFKPLSNRINVILSRTLKKEDFDEDVYIINKVEDLIVLLGKLNYYK
CFILGGSVVYQEFLEKKLIKKIYFTRINSTYECDVFFPEINENEYQIISVSDVYTSNNTTLDFIIYKKTNNKMLNEQNCI
KGEEKNNDMPLKNDDKDTCHMKKLTEFYKNVDKYKINYENDDDDEEEDDFVYFNFNKEKEEKNKNSIHPNDFQIYNSLKY
KYHPEYQYLNIIYDIMMNGNKQSDRTGVGVLSKFGYIMKFDLSQYFPLLTTKKLFLRGIIEELLWFIRGETNGNTLLNKN
VRIWEANGTREFLDNRKLFHREVNDLGPIYGFQWRHFGAEYTNMYDNYENKGVDQLKNIINLIKNDPTSRRILLCAWNVK
DLDQMALPPCHILCQFYVFDGKLSCIMYQRSCDLGLGVPFNIASYSIFTHMIAQVCNLQPAQFIHVLGNAHVYNNHIDSL
KIQLNRIPYPFPTLKLNPDIKNIEDFTISDFTIQNYVHHEKISMDMAA
;
_entity_poly.pdbx_strand_id   A,B
#
loop_
_chem_comp.id
_chem_comp.type
_chem_comp.name
_chem_comp.formula
BME non-polymer BETA-MERCAPTOETHANOL 'C2 H6 O S'
NDP non-polymer 'NADPH DIHYDRO-NICOTINAMIDE-ADENINE-DINUCLEOTIDE PHOSPHATE' 'C21 H30 N7 O17 P3'
P65 non-polymer 2,4-diamino-6-methyl-5-[3-(2,4,5-trichlorophenoxy)propyloxy]pyrimidine 'C14 H15 Cl3 N4 O2'
PO4 non-polymer 'PHOSPHATE ION' 'O4 P -3'
#
# COMPACT_ATOMS: atom_id res chain seq x y z
N GLU A 3 11.59 -34.80 -22.03
CA GLU A 3 10.51 -33.81 -22.34
C GLU A 3 9.16 -34.49 -22.57
N GLN A 4 8.19 -34.16 -21.70
CA GLN A 4 6.82 -34.66 -21.83
C GLN A 4 6.02 -33.93 -22.92
N VAL A 5 4.92 -34.53 -23.33
CA VAL A 5 4.11 -34.01 -24.41
C VAL A 5 3.45 -32.67 -24.03
N CYS A 6 3.02 -32.53 -22.77
CA CYS A 6 2.31 -31.31 -22.29
C CYS A 6 3.13 -30.02 -22.37
N ASP A 7 4.41 -30.09 -22.01
CA ASP A 7 5.27 -28.91 -22.00
C ASP A 7 5.55 -28.48 -23.40
N VAL A 8 5.86 -29.45 -24.25
CA VAL A 8 6.21 -29.11 -25.63
C VAL A 8 5.03 -28.42 -26.31
N PHE A 9 3.85 -28.99 -26.17
CA PHE A 9 2.78 -28.47 -26.97
C PHE A 9 1.91 -27.40 -26.31
N ASP A 10 2.24 -27.09 -25.05
CA ASP A 10 1.59 -26.05 -24.25
C ASP A 10 0.09 -26.29 -24.22
N ILE A 11 -0.26 -27.42 -23.63
CA ILE A 11 -1.63 -27.84 -23.59
C ILE A 11 -2.18 -27.53 -22.21
N TYR A 12 -3.27 -26.78 -22.17
CA TYR A 12 -3.89 -26.32 -20.94
C TYR A 12 -5.37 -26.64 -20.97
N ALA A 13 -5.96 -26.84 -19.80
CA ALA A 13 -7.42 -26.87 -19.68
C ALA A 13 -7.98 -25.56 -19.08
N ILE A 14 -9.19 -25.22 -19.49
CA ILE A 14 -9.90 -24.09 -18.89
C ILE A 14 -11.34 -24.48 -18.71
N CYS A 15 -11.86 -24.22 -17.51
CA CYS A 15 -13.19 -24.65 -17.12
C CYS A 15 -13.81 -23.66 -16.15
N ALA A 16 -15.09 -23.89 -15.85
CA ALA A 16 -15.81 -23.09 -14.88
C ALA A 16 -16.67 -24.06 -14.11
N CYS A 17 -16.59 -24.05 -12.79
CA CYS A 17 -17.38 -24.96 -11.96
C CYS A 17 -18.15 -24.32 -10.81
N CYS A 18 -19.43 -24.68 -10.71
CA CYS A 18 -20.28 -24.27 -9.62
C CYS A 18 -20.33 -25.34 -8.54
N LYS A 19 -21.15 -25.09 -7.52
CA LYS A 19 -21.41 -26.05 -6.48
C LYS A 19 -22.69 -26.79 -6.91
N VAL A 20 -22.83 -28.03 -6.43
CA VAL A 20 -23.91 -28.95 -6.85
C VAL A 20 -24.75 -29.52 -5.68
N GLU A 21 -26.01 -29.86 -5.96
CA GLU A 21 -27.01 -30.19 -4.91
C GLU A 21 -26.82 -31.49 -4.09
N SER A 22 -26.13 -31.40 -2.96
CA SER A 22 -25.90 -32.56 -2.07
C SER A 22 -27.15 -32.92 -1.24
N LYS A 23 -26.95 -33.43 -0.02
CA LYS A 23 -28.06 -33.87 0.84
C LYS A 23 -28.32 -32.95 2.05
N ASN A 24 -29.55 -33.00 2.56
CA ASN A 24 -29.98 -32.20 3.73
C ASN A 24 -30.29 -33.08 4.95
N GLU A 25 -29.22 -33.68 5.50
CA GLU A 25 -29.27 -34.62 6.64
C GLU A 25 -28.35 -34.18 7.80
N GLY A 26 -27.77 -32.98 7.63
CA GLY A 26 -26.76 -32.41 8.52
C GLY A 26 -25.92 -31.38 7.75
N LYS A 27 -26.55 -30.78 6.71
CA LYS A 27 -25.91 -29.83 5.78
C LYS A 27 -26.10 -28.34 6.17
N LYS A 28 -26.50 -28.12 7.42
CA LYS A 28 -26.30 -26.83 8.07
C LYS A 28 -24.78 -26.74 8.32
N ASN A 29 -24.23 -27.86 8.84
CA ASN A 29 -22.80 -27.98 9.12
C ASN A 29 -22.11 -28.99 8.18
N GLU A 30 -21.99 -28.59 6.92
CA GLU A 30 -21.31 -29.40 5.92
C GLU A 30 -19.82 -29.01 5.76
N VAL A 31 -19.07 -29.92 5.15
CA VAL A 31 -17.64 -29.77 4.86
C VAL A 31 -17.42 -29.20 3.44
N PHE A 32 -16.33 -28.46 3.25
CA PHE A 32 -15.98 -27.93 1.94
C PHE A 32 -14.56 -28.30 1.54
N ASN A 33 -14.33 -28.48 0.25
CA ASN A 33 -12.99 -28.71 -0.29
C ASN A 33 -12.88 -28.18 -1.72
N ASN A 34 -11.82 -28.56 -2.44
CA ASN A 34 -11.74 -28.19 -3.86
C ASN A 34 -12.83 -28.85 -4.71
N TYR A 35 -13.20 -30.09 -4.35
CA TYR A 35 -14.30 -30.81 -5.02
C TYR A 35 -15.72 -30.23 -4.76
N THR A 36 -15.83 -29.22 -3.89
CA THR A 36 -17.05 -28.41 -3.74
C THR A 36 -17.49 -27.79 -5.06
N PHE A 37 -16.53 -27.27 -5.82
CA PHE A 37 -16.81 -26.70 -7.14
C PHE A 37 -16.50 -27.73 -8.18
N ARG A 38 -17.54 -28.30 -8.79
CA ARG A 38 -17.31 -29.39 -9.74
C ARG A 38 -18.34 -29.51 -10.84
N GLY A 39 -19.43 -28.76 -10.76
CA GLY A 39 -20.52 -28.84 -11.73
C GLY A 39 -20.15 -28.15 -13.01
N LEU A 40 -20.28 -28.84 -14.14
CA LEU A 40 -19.82 -28.32 -15.41
C LEU A 40 -20.98 -28.08 -16.35
N GLY A 41 -21.88 -29.05 -16.41
CA GLY A 41 -23.05 -28.92 -17.25
C GLY A 41 -24.29 -29.52 -16.64
N ASN A 42 -25.39 -29.23 -17.30
CA ASN A 42 -26.69 -29.83 -17.02
C ASN A 42 -27.47 -29.87 -18.34
N LYS A 43 -27.95 -31.05 -18.73
CA LYS A 43 -28.81 -31.24 -19.94
C LYS A 43 -28.15 -30.74 -21.23
N GLY A 44 -26.91 -31.22 -21.45
CA GLY A 44 -26.08 -30.83 -22.60
C GLY A 44 -25.72 -29.34 -22.72
N VAL A 45 -26.20 -28.51 -21.79
CA VAL A 45 -25.84 -27.09 -21.69
C VAL A 45 -25.19 -26.74 -20.33
N LEU A 46 -24.85 -25.46 -20.14
CA LEU A 46 -24.25 -24.98 -18.88
C LEU A 46 -25.30 -24.89 -17.76
N PRO A 47 -24.89 -25.12 -16.49
CA PRO A 47 -25.86 -25.17 -15.40
C PRO A 47 -26.54 -23.84 -15.11
N TRP A 48 -25.99 -22.74 -15.66
CA TRP A 48 -26.41 -21.38 -15.30
C TRP A 48 -26.80 -20.56 -16.52
N LYS A 49 -27.58 -19.50 -16.30
CA LYS A 49 -28.03 -18.61 -17.37
C LYS A 49 -26.87 -17.87 -18.08
N CYS A 50 -26.35 -16.79 -17.53
CA CYS A 50 -25.20 -16.09 -18.11
C CYS A 50 -24.32 -15.57 -16.99
N ILE A 51 -23.08 -16.03 -16.93
CA ILE A 51 -22.11 -15.36 -16.07
C ILE A 51 -21.18 -14.70 -17.04
N SER A 52 -21.48 -13.45 -17.35
CA SER A 52 -20.76 -12.81 -18.41
C SER A 52 -19.29 -12.56 -18.11
N LEU A 53 -18.96 -12.31 -16.85
CA LEU A 53 -17.58 -12.08 -16.49
C LEU A 53 -16.73 -13.34 -16.74
N ASP A 54 -17.30 -14.52 -16.46
CA ASP A 54 -16.57 -15.73 -16.78
C ASP A 54 -16.34 -15.81 -18.30
N MET A 55 -17.38 -15.51 -19.08
CA MET A 55 -17.27 -15.49 -20.54
C MET A 55 -16.17 -14.53 -20.98
N LYS A 56 -16.15 -13.33 -20.40
CA LYS A 56 -15.16 -12.35 -20.79
C LYS A 56 -13.75 -12.92 -20.47
N TYR A 57 -13.61 -13.56 -19.31
CA TYR A 57 -12.33 -14.16 -18.89
C TYR A 57 -11.89 -15.24 -19.87
N PHE A 58 -12.79 -16.20 -20.06
CA PHE A 58 -12.64 -17.27 -21.00
C PHE A 58 -12.16 -16.82 -22.37
N ARG A 59 -12.83 -15.82 -22.93
CA ARG A 59 -12.50 -15.31 -24.25
C ARG A 59 -11.11 -14.68 -24.23
N ALA A 60 -10.81 -13.95 -23.15
CA ALA A 60 -9.55 -13.20 -23.12
C ALA A 60 -8.35 -14.13 -23.00
N VAL A 61 -8.50 -15.19 -22.21
CA VAL A 61 -7.41 -16.12 -22.01
C VAL A 61 -7.18 -16.94 -23.27
N THR A 62 -8.27 -17.36 -23.92
CA THR A 62 -8.16 -18.33 -25.02
C THR A 62 -7.78 -17.60 -26.27
N THR A 63 -7.85 -16.27 -26.24
CA THR A 63 -7.54 -15.54 -27.44
C THR A 63 -6.23 -14.79 -27.32
N TYR A 64 -5.71 -14.68 -26.09
CA TYR A 64 -4.45 -13.94 -25.90
C TYR A 64 -3.25 -14.72 -26.44
N VAL A 65 -2.47 -14.06 -27.29
CA VAL A 65 -1.21 -14.60 -27.77
C VAL A 65 -0.12 -13.53 -27.61
N ASN A 66 1.10 -13.96 -27.30
CA ASN A 66 2.29 -13.10 -27.32
C ASN A 66 3.25 -13.48 -28.46
N GLU A 67 3.30 -12.63 -29.48
CA GLU A 67 4.08 -12.89 -30.71
C GLU A 67 5.56 -13.17 -30.44
N SER A 68 6.21 -12.28 -29.70
CA SER A 68 7.63 -12.43 -29.45
C SER A 68 7.98 -13.74 -28.76
N LYS A 69 7.14 -14.21 -27.84
CA LYS A 69 7.42 -15.46 -27.12
C LYS A 69 7.39 -16.70 -28.01
N TYR A 70 6.78 -16.55 -29.19
CA TYR A 70 6.55 -17.65 -30.12
C TYR A 70 7.83 -18.26 -30.71
N GLU A 71 8.73 -17.42 -31.23
CA GLU A 71 9.93 -17.92 -31.91
C GLU A 71 10.67 -18.96 -31.06
N LYS A 72 10.56 -18.79 -29.74
CA LYS A 72 11.20 -19.66 -28.77
C LYS A 72 10.39 -20.91 -28.45
N LEU A 73 9.11 -20.89 -28.84
CA LEU A 73 8.24 -22.08 -28.77
C LEU A 73 8.29 -22.79 -30.12
N LYS A 74 8.36 -21.98 -31.18
CA LYS A 74 8.55 -22.44 -32.57
C LYS A 74 9.90 -23.15 -32.74
N TYR A 75 10.77 -22.98 -31.76
CA TYR A 75 12.05 -23.66 -31.75
C TYR A 75 12.01 -24.91 -30.84
N LYS A 76 11.38 -24.78 -29.67
CA LYS A 76 11.23 -25.90 -28.74
C LYS A 76 10.50 -27.10 -29.34
N ARG A 77 9.37 -26.83 -30.01
CA ARG A 77 8.52 -27.88 -30.60
C ARG A 77 9.21 -28.57 -31.74
N CYS A 78 9.89 -27.78 -32.56
CA CYS A 78 10.62 -28.29 -33.71
C CYS A 78 11.76 -29.21 -33.28
N LYS A 79 12.49 -28.81 -32.25
CA LYS A 79 13.55 -29.65 -31.71
C LYS A 79 13.00 -31.00 -31.25
N TYR A 80 11.84 -30.99 -30.59
CA TYR A 80 11.21 -32.22 -30.11
C TYR A 80 10.83 -33.18 -31.25
N LEU A 81 10.39 -32.62 -32.38
CA LEU A 81 9.99 -33.43 -33.54
C LEU A 81 11.10 -33.66 -34.56
N ASN A 82 12.29 -33.12 -34.27
CA ASN A 82 13.47 -33.14 -35.15
C ASN A 82 13.27 -32.33 -36.43
N LYS A 83 13.10 -31.02 -36.27
CA LYS A 83 13.15 -30.08 -37.39
C LYS A 83 14.07 -28.92 -37.03
N GLU A 84 14.74 -28.36 -38.03
CA GLU A 84 15.36 -27.05 -37.88
C GLU A 84 14.26 -26.00 -37.80
N THR A 85 14.61 -24.83 -37.26
CA THR A 85 13.74 -23.65 -37.33
C THR A 85 13.47 -23.33 -38.81
N LYS A 96 -2.98 -15.25 -41.06
CA LYS A 96 -1.60 -14.66 -40.93
C LYS A 96 -1.21 -14.32 -39.48
N LYS A 97 -2.20 -14.00 -38.63
CA LYS A 97 -1.95 -13.62 -37.22
C LYS A 97 -1.92 -14.84 -36.31
N LEU A 98 -0.94 -14.90 -35.41
CA LEU A 98 -0.76 -16.05 -34.53
C LEU A 98 -1.99 -16.23 -33.64
N GLN A 99 -2.51 -17.46 -33.57
CA GLN A 99 -3.73 -17.75 -32.87
C GLN A 99 -3.51 -18.92 -31.93
N ASN A 100 -4.37 -19.06 -30.93
CA ASN A 100 -4.35 -20.23 -30.10
C ASN A 100 -5.26 -21.30 -30.70
N VAL A 101 -5.07 -22.55 -30.25
CA VAL A 101 -5.90 -23.63 -30.67
C VAL A 101 -6.84 -23.94 -29.54
N VAL A 102 -8.09 -24.27 -29.85
CA VAL A 102 -9.04 -24.70 -28.84
C VAL A 102 -9.72 -25.99 -29.25
N VAL A 103 -9.80 -26.92 -28.31
CA VAL A 103 -10.29 -28.28 -28.54
C VAL A 103 -11.57 -28.54 -27.75
N MET A 104 -12.57 -29.12 -28.41
CA MET A 104 -13.87 -29.30 -27.81
C MET A 104 -14.44 -30.70 -28.06
N GLY A 105 -14.88 -31.36 -27.00
CA GLY A 105 -15.71 -32.53 -27.14
C GLY A 105 -16.85 -32.15 -28.07
N ARG A 106 -17.44 -33.14 -28.72
CA ARG A 106 -18.52 -32.86 -29.62
C ARG A 106 -19.75 -32.25 -28.93
N THR A 107 -20.15 -32.84 -27.78
CA THR A 107 -21.30 -32.34 -26.99
C THR A 107 -21.10 -30.91 -26.53
N ASN A 108 -19.89 -30.64 -26.03
CA ASN A 108 -19.49 -29.26 -25.79
C ASN A 108 -19.74 -28.43 -27.05
N TRP A 109 -19.29 -28.91 -28.20
CA TRP A 109 -19.43 -28.12 -29.43
C TRP A 109 -20.90 -27.78 -29.75
N GLU A 110 -21.77 -28.79 -29.59
CA GLU A 110 -23.20 -28.61 -29.85
C GLU A 110 -23.86 -27.63 -28.90
N SER A 111 -23.42 -27.63 -27.64
CA SER A 111 -23.94 -26.69 -26.67
C SER A 111 -23.70 -25.21 -27.03
N ILE A 112 -22.62 -24.89 -27.72
CA ILE A 112 -22.36 -23.46 -28.05
C ILE A 112 -23.37 -22.88 -29.06
N PRO A 113 -23.93 -21.70 -28.78
CA PRO A 113 -24.83 -21.05 -29.74
C PRO A 113 -24.13 -20.77 -31.06
N LYS A 114 -24.91 -20.86 -32.14
CA LYS A 114 -24.37 -20.77 -33.46
C LYS A 114 -23.60 -19.48 -33.70
N LYS A 115 -24.15 -18.34 -33.31
CA LYS A 115 -23.47 -17.04 -33.56
C LYS A 115 -22.08 -16.89 -32.91
N PHE A 116 -21.64 -17.89 -32.15
CA PHE A 116 -20.36 -17.83 -31.43
C PHE A 116 -19.29 -18.72 -32.07
N LYS A 117 -19.72 -19.42 -33.12
CA LYS A 117 -19.05 -20.56 -33.72
C LYS A 117 -18.72 -20.29 -35.19
N PRO A 118 -17.48 -20.64 -35.61
CA PRO A 118 -16.39 -21.12 -34.75
C PRO A 118 -15.94 -20.00 -33.80
N LEU A 119 -15.34 -20.34 -32.66
CA LEU A 119 -14.87 -19.33 -31.69
C LEU A 119 -13.91 -18.31 -32.33
N SER A 120 -14.24 -17.04 -32.22
CA SER A 120 -13.55 -16.05 -33.01
C SER A 120 -12.09 -16.02 -32.65
N ASN A 121 -11.26 -15.73 -33.65
CA ASN A 121 -9.84 -15.52 -33.48
C ASN A 121 -9.10 -16.72 -32.85
N ARG A 122 -9.69 -17.90 -32.96
CA ARG A 122 -9.09 -19.12 -32.45
C ARG A 122 -9.18 -20.25 -33.49
N ILE A 123 -8.19 -21.13 -33.47
CA ILE A 123 -8.22 -22.32 -34.28
C ILE A 123 -9.07 -23.37 -33.62
N ASN A 124 -10.28 -23.57 -34.16
CA ASN A 124 -11.21 -24.53 -33.57
C ASN A 124 -10.90 -26.00 -33.92
N VAL A 125 -10.89 -26.88 -32.92
CA VAL A 125 -10.69 -28.31 -33.11
C VAL A 125 -11.77 -29.09 -32.35
N ILE A 126 -12.40 -30.07 -32.99
CA ILE A 126 -13.49 -30.80 -32.38
C ILE A 126 -13.22 -32.30 -32.33
N LEU A 127 -13.23 -32.88 -31.13
CA LEU A 127 -13.17 -34.33 -30.95
C LEU A 127 -14.46 -35.06 -31.26
N SER A 128 -14.44 -36.02 -32.17
CA SER A 128 -15.66 -36.78 -32.47
C SER A 128 -15.43 -38.16 -33.09
N ARG A 129 -16.27 -39.14 -32.72
CA ARG A 129 -16.37 -40.38 -33.48
C ARG A 129 -17.54 -40.31 -34.44
N THR A 130 -18.72 -40.03 -33.92
CA THR A 130 -19.95 -40.15 -34.69
C THR A 130 -20.12 -39.14 -35.82
N LEU A 131 -19.22 -38.17 -35.91
CA LEU A 131 -19.34 -37.12 -36.94
C LEU A 131 -18.02 -36.88 -37.66
N LYS A 132 -18.08 -36.35 -38.90
CA LYS A 132 -16.89 -36.17 -39.72
C LYS A 132 -16.91 -34.79 -40.41
N LYS A 133 -15.82 -34.41 -41.07
CA LYS A 133 -15.72 -33.05 -41.62
C LYS A 133 -16.93 -32.63 -42.45
N GLU A 134 -17.52 -33.60 -43.13
CA GLU A 134 -18.70 -33.42 -43.98
C GLU A 134 -19.94 -33.00 -43.19
N ASP A 135 -19.96 -33.33 -41.89
CA ASP A 135 -21.07 -32.89 -41.10
C ASP A 135 -20.97 -31.42 -40.65
N PHE A 136 -19.91 -30.70 -41.04
CA PHE A 136 -19.74 -29.30 -40.59
C PHE A 136 -19.58 -28.30 -41.71
N ASP A 137 -20.33 -27.21 -41.62
CA ASP A 137 -20.13 -26.09 -42.50
C ASP A 137 -18.90 -25.26 -42.09
N GLU A 138 -18.46 -25.35 -40.84
CA GLU A 138 -17.57 -24.34 -40.27
C GLU A 138 -16.09 -24.61 -40.48
N ASP A 139 -15.34 -23.51 -40.53
CA ASP A 139 -13.89 -23.55 -40.49
C ASP A 139 -13.38 -24.23 -39.20
N VAL A 140 -13.36 -25.56 -39.18
CA VAL A 140 -12.98 -26.33 -38.00
C VAL A 140 -12.23 -27.62 -38.38
N TYR A 141 -11.33 -28.07 -37.53
CA TYR A 141 -10.69 -29.41 -37.69
C TYR A 141 -11.44 -30.45 -36.89
N ILE A 142 -11.79 -31.57 -37.54
CA ILE A 142 -12.34 -32.70 -36.83
C ILE A 142 -11.23 -33.68 -36.52
N ILE A 143 -11.26 -34.30 -35.33
CA ILE A 143 -10.34 -35.36 -34.99
C ILE A 143 -11.09 -36.44 -34.24
N ASN A 144 -10.66 -37.69 -34.44
CA ASN A 144 -11.35 -38.82 -33.82
C ASN A 144 -10.54 -39.54 -32.73
N LYS A 145 -9.35 -39.01 -32.44
CA LYS A 145 -8.41 -39.62 -31.48
C LYS A 145 -7.61 -38.51 -30.88
N VAL A 146 -7.25 -38.68 -29.61
CA VAL A 146 -6.42 -37.69 -28.95
C VAL A 146 -5.07 -37.59 -29.69
N GLU A 147 -4.50 -38.76 -30.00
CA GLU A 147 -3.23 -38.88 -30.73
C GLU A 147 -3.20 -37.96 -31.96
N ASP A 148 -4.32 -37.88 -32.68
CA ASP A 148 -4.40 -37.02 -33.86
C ASP A 148 -4.26 -35.55 -33.51
N LEU A 149 -4.66 -35.17 -32.29
CA LEU A 149 -4.48 -33.79 -31.87
C LEU A 149 -3.00 -33.44 -31.80
N ILE A 150 -2.22 -34.34 -31.19
CA ILE A 150 -0.76 -34.17 -31.09
C ILE A 150 -0.11 -34.06 -32.48
N VAL A 151 -0.60 -34.89 -33.40
CA VAL A 151 -0.12 -34.90 -34.78
C VAL A 151 -0.45 -33.56 -35.41
N LEU A 152 -1.69 -33.10 -35.22
CA LEU A 152 -2.14 -31.78 -35.68
C LEU A 152 -1.37 -30.56 -35.11
N LEU A 153 -1.10 -30.55 -33.81
CA LEU A 153 -0.32 -29.49 -33.18
C LEU A 153 1.09 -29.45 -33.76
N GLY A 154 1.60 -30.65 -34.05
CA GLY A 154 2.87 -30.80 -34.76
C GLY A 154 2.93 -29.95 -36.01
N LYS A 155 1.91 -30.10 -36.83
CA LYS A 155 1.85 -29.42 -38.13
C LYS A 155 1.57 -27.92 -38.01
N LEU A 156 0.58 -27.55 -37.20
CA LEU A 156 0.11 -26.17 -37.17
C LEU A 156 1.07 -25.15 -36.52
N ASN A 157 0.86 -23.88 -36.87
CA ASN A 157 1.38 -22.74 -36.13
C ASN A 157 0.39 -22.14 -35.13
N TYR A 158 0.63 -22.39 -33.83
CA TYR A 158 -0.15 -21.80 -32.77
C TYR A 158 0.67 -21.42 -31.52
N TYR A 159 0.08 -20.55 -30.69
CA TYR A 159 0.67 -20.10 -29.44
C TYR A 159 0.36 -21.14 -28.39
N LYS A 160 -0.86 -21.11 -27.88
CA LYS A 160 -1.19 -22.11 -26.88
C LYS A 160 -2.37 -22.95 -27.31
N CYS A 161 -2.57 -24.09 -26.63
CA CYS A 161 -3.67 -24.99 -26.89
C CYS A 161 -4.51 -25.24 -25.64
N PHE A 162 -5.79 -24.88 -25.71
CA PHE A 162 -6.70 -24.96 -24.57
C PHE A 162 -7.76 -26.02 -24.82
N ILE A 163 -7.91 -26.92 -23.87
CA ILE A 163 -8.94 -27.91 -23.87
C ILE A 163 -10.18 -27.28 -23.24
N LEU A 164 -11.25 -27.12 -24.02
CA LEU A 164 -12.38 -26.30 -23.60
C LEU A 164 -13.43 -27.11 -22.92
N GLY A 165 -13.17 -28.40 -22.83
CA GLY A 165 -14.01 -29.26 -22.09
C GLY A 165 -14.93 -30.16 -22.85
N GLY A 166 -15.93 -30.58 -22.09
CA GLY A 166 -16.45 -31.88 -22.09
C GLY A 166 -15.82 -32.49 -20.86
N SER A 167 -16.64 -32.99 -19.95
CA SER A 167 -16.10 -33.73 -18.81
C SER A 167 -15.33 -34.95 -19.32
N VAL A 168 -15.97 -35.70 -20.24
CA VAL A 168 -15.27 -36.71 -21.05
C VAL A 168 -13.96 -36.19 -21.65
N VAL A 169 -14.01 -35.07 -22.39
CA VAL A 169 -12.77 -34.50 -22.90
C VAL A 169 -11.79 -34.14 -21.76
N TYR A 170 -12.31 -33.61 -20.64
CA TYR A 170 -11.42 -33.26 -19.53
C TYR A 170 -10.80 -34.52 -18.97
N GLN A 171 -11.63 -35.51 -18.67
CA GLN A 171 -11.14 -36.69 -18.00
C GLN A 171 -9.99 -37.29 -18.76
N GLU A 172 -10.18 -37.50 -20.06
CA GLU A 172 -9.19 -38.19 -20.86
C GLU A 172 -7.89 -37.39 -21.00
N PHE A 173 -7.98 -36.07 -20.99
CA PHE A 173 -6.76 -35.28 -21.09
C PHE A 173 -5.94 -35.22 -19.82
N LEU A 174 -6.61 -35.29 -18.67
CA LEU A 174 -5.91 -35.30 -17.37
C LEU A 174 -5.18 -36.62 -17.14
N GLU A 175 -5.92 -37.73 -17.36
CA GLU A 175 -5.40 -39.07 -17.16
C GLU A 175 -4.27 -39.42 -18.15
N LYS A 176 -4.30 -38.89 -19.37
CA LYS A 176 -3.13 -39.01 -20.26
C LYS A 176 -1.98 -38.09 -19.83
N LYS A 177 -2.15 -37.38 -18.72
CA LYS A 177 -1.13 -36.46 -18.22
C LYS A 177 -0.73 -35.44 -19.28
N LEU A 178 -1.73 -34.87 -19.95
CA LEU A 178 -1.47 -33.88 -20.99
C LEU A 178 -1.61 -32.40 -20.56
N ILE A 179 -2.25 -32.13 -19.43
CA ILE A 179 -2.58 -30.76 -19.02
C ILE A 179 -1.47 -30.12 -18.18
N LYS A 180 -0.88 -29.06 -18.69
CA LYS A 180 0.19 -28.38 -17.97
C LYS A 180 -0.37 -27.40 -16.91
N LYS A 181 -1.56 -26.86 -17.15
CA LYS A 181 -2.22 -25.93 -16.20
C LYS A 181 -3.73 -26.00 -16.37
N ILE A 182 -4.45 -25.94 -15.25
CA ILE A 182 -5.90 -25.84 -15.25
C ILE A 182 -6.29 -24.42 -14.84
N TYR A 183 -6.93 -23.67 -15.76
CA TYR A 183 -7.50 -22.36 -15.47
C TYR A 183 -8.94 -22.58 -15.05
N PHE A 184 -9.20 -22.27 -13.78
CA PHE A 184 -10.39 -22.79 -13.16
C PHE A 184 -11.17 -21.65 -12.55
N THR A 185 -12.38 -21.45 -13.06
CA THR A 185 -13.30 -20.51 -12.44
C THR A 185 -14.11 -21.20 -11.37
N ARG A 186 -14.05 -20.64 -10.16
CA ARG A 186 -14.96 -21.07 -9.09
C ARG A 186 -16.20 -20.18 -9.06
N ILE A 187 -17.33 -20.79 -9.37
CA ILE A 187 -18.63 -20.11 -9.44
C ILE A 187 -19.34 -20.37 -8.13
N ASN A 188 -19.48 -19.33 -7.32
CA ASN A 188 -19.92 -19.52 -5.95
C ASN A 188 -21.44 -19.46 -5.85
N SER A 189 -22.07 -20.44 -6.52
CA SER A 189 -23.49 -20.68 -6.40
C SER A 189 -23.82 -22.13 -6.71
N THR A 190 -25.02 -22.55 -6.32
CA THR A 190 -25.45 -23.91 -6.49
C THR A 190 -26.46 -24.07 -7.60
N TYR A 191 -26.22 -25.04 -8.48
CA TYR A 191 -27.13 -25.30 -9.59
C TYR A 191 -27.27 -26.79 -9.79
N GLU A 192 -28.38 -27.17 -10.41
CA GLU A 192 -28.61 -28.54 -10.86
C GLU A 192 -27.55 -28.90 -11.89
N CYS A 193 -26.93 -30.05 -11.69
CA CYS A 193 -25.94 -30.49 -12.63
C CYS A 193 -26.12 -31.97 -12.92
N ASP A 194 -25.65 -32.46 -14.07
CA ASP A 194 -25.60 -33.90 -14.33
C ASP A 194 -24.21 -34.29 -14.78
N VAL A 195 -23.40 -33.29 -15.12
CA VAL A 195 -22.05 -33.47 -15.65
C VAL A 195 -21.02 -32.74 -14.73
N PHE A 196 -19.88 -33.39 -14.49
CA PHE A 196 -18.96 -32.95 -13.46
C PHE A 196 -17.52 -32.99 -13.94
N PHE A 197 -16.71 -32.13 -13.33
CA PHE A 197 -15.31 -32.02 -13.65
C PHE A 197 -14.62 -33.10 -12.83
N PRO A 198 -13.64 -33.79 -13.41
CA PRO A 198 -12.96 -34.84 -12.63
C PRO A 198 -12.30 -34.28 -11.37
N GLU A 199 -12.38 -35.02 -10.26
CA GLU A 199 -11.70 -34.68 -9.00
C GLU A 199 -10.18 -34.54 -9.23
N ILE A 200 -9.64 -33.37 -8.94
CA ILE A 200 -8.21 -33.12 -9.19
C ILE A 200 -7.34 -33.76 -8.11
N ASN A 201 -6.33 -34.53 -8.51
CA ASN A 201 -5.40 -35.15 -7.56
C ASN A 201 -4.35 -34.17 -6.99
N GLU A 202 -4.49 -33.87 -5.69
CA GLU A 202 -3.67 -32.88 -4.97
C GLU A 202 -2.16 -33.12 -5.08
N ASN A 203 -1.77 -34.35 -5.34
CA ASN A 203 -0.36 -34.67 -5.54
C ASN A 203 0.10 -34.38 -6.98
N GLU A 204 -0.85 -34.38 -7.91
CA GLU A 204 -0.52 -34.10 -9.30
C GLU A 204 -0.63 -32.62 -9.65
N TYR A 205 -1.59 -31.93 -9.03
CA TYR A 205 -1.77 -30.48 -9.26
C TYR A 205 -1.82 -29.65 -7.99
N GLN A 206 -1.16 -28.50 -8.01
CA GLN A 206 -1.23 -27.55 -6.89
C GLN A 206 -1.68 -26.17 -7.36
N ILE A 207 -2.54 -25.49 -6.59
CA ILE A 207 -2.89 -24.12 -6.93
C ILE A 207 -1.70 -23.18 -6.75
N ILE A 208 -1.45 -22.32 -7.73
CA ILE A 208 -0.35 -21.35 -7.68
C ILE A 208 -0.77 -19.88 -7.78
N SER A 209 -2.02 -19.63 -8.15
CA SER A 209 -2.54 -18.26 -8.21
C SER A 209 -4.00 -18.24 -7.88
N VAL A 210 -4.44 -17.09 -7.36
CA VAL A 210 -5.79 -16.88 -6.90
C VAL A 210 -6.12 -15.42 -7.11
N SER A 211 -7.17 -15.19 -7.89
CA SER A 211 -7.51 -13.88 -8.38
C SER A 211 -8.31 -13.14 -7.30
N ASP A 212 -8.58 -11.87 -7.56
CA ASP A 212 -9.58 -11.07 -6.87
C ASP A 212 -10.93 -11.78 -6.95
N VAL A 213 -11.87 -11.38 -6.10
CA VAL A 213 -13.24 -11.90 -6.13
C VAL A 213 -14.16 -10.89 -6.84
N TYR A 214 -15.13 -11.36 -7.62
CA TYR A 214 -16.04 -10.42 -8.29
C TYR A 214 -17.46 -10.89 -8.13
N THR A 215 -18.40 -10.02 -8.47
CA THR A 215 -19.79 -10.39 -8.65
C THR A 215 -20.12 -10.29 -10.15
N SER A 216 -20.84 -11.26 -10.66
CA SER A 216 -21.40 -11.12 -12.01
C SER A 216 -22.73 -11.83 -12.05
N ASN A 217 -23.75 -11.16 -12.60
CA ASN A 217 -25.10 -11.73 -12.63
C ASN A 217 -25.40 -12.46 -11.31
N ASN A 218 -25.29 -11.75 -10.19
CA ASN A 218 -25.76 -12.26 -8.87
C ASN A 218 -24.98 -13.38 -8.25
N THR A 219 -23.71 -13.53 -8.60
CA THR A 219 -22.93 -14.56 -7.95
C THR A 219 -21.52 -14.07 -7.82
N THR A 220 -20.83 -14.53 -6.78
CA THR A 220 -19.44 -14.18 -6.70
C THR A 220 -18.71 -15.29 -7.42
N LEU A 221 -17.46 -15.02 -7.81
CA LEU A 221 -16.67 -16.00 -8.49
C LEU A 221 -15.25 -15.52 -8.39
N ASP A 222 -14.29 -16.45 -8.41
CA ASP A 222 -12.96 -16.11 -8.68
C ASP A 222 -12.36 -17.09 -9.67
N PHE A 223 -11.09 -16.90 -9.97
CA PHE A 223 -10.37 -17.58 -11.02
C PHE A 223 -9.08 -18.01 -10.36
N ILE A 224 -8.80 -19.32 -10.45
CA ILE A 224 -7.59 -19.90 -9.90
C ILE A 224 -6.86 -20.72 -10.96
N ILE A 225 -5.57 -20.90 -10.75
CA ILE A 225 -4.73 -21.59 -11.67
C ILE A 225 -4.05 -22.76 -10.95
N TYR A 226 -4.30 -23.99 -11.40
CA TYR A 226 -3.58 -25.17 -10.97
C TYR A 226 -2.42 -25.41 -11.92
N LYS A 227 -1.29 -25.86 -11.36
CA LYS A 227 -0.09 -26.22 -12.10
C LYS A 227 0.28 -27.68 -11.80
N LYS A 228 0.76 -28.39 -12.83
CA LYS A 228 1.23 -29.78 -12.67
C LYS A 228 2.44 -29.80 -11.73
N THR A 229 2.34 -30.62 -10.69
CA THR A 229 3.42 -30.77 -9.72
C THR A 229 4.50 -31.68 -10.30
N ASN A 230 5.75 -31.34 -10.03
CA ASN A 230 6.86 -32.22 -10.36
C ASN A 230 7.28 -33.09 -9.15
N ASN A 231 6.42 -34.04 -8.75
CA ASN A 231 6.81 -35.10 -7.80
C ASN A 231 6.71 -36.50 -8.43
N ASP A 283 13.68 -2.79 -22.39
CA ASP A 283 15.17 -2.76 -22.16
C ASP A 283 15.57 -3.57 -20.92
N ASP A 284 16.79 -3.36 -20.41
CA ASP A 284 17.32 -4.16 -19.29
C ASP A 284 18.60 -3.63 -18.63
N GLU A 285 19.00 -2.41 -18.99
CA GLU A 285 20.10 -1.73 -18.29
C GLU A 285 19.61 -1.34 -16.90
N GLU A 286 18.35 -0.92 -16.87
CA GLU A 286 17.68 -0.45 -15.68
C GLU A 286 17.37 -1.56 -14.67
N GLU A 287 17.53 -2.83 -15.07
CA GLU A 287 17.42 -3.96 -14.13
C GLU A 287 18.60 -4.02 -13.16
N ASP A 288 19.75 -3.52 -13.60
CA ASP A 288 20.94 -3.38 -12.77
C ASP A 288 20.79 -2.23 -11.74
N ASP A 289 20.26 -1.09 -12.19
CA ASP A 289 19.98 0.03 -11.28
C ASP A 289 19.15 -0.40 -10.08
N PHE A 290 18.16 -1.28 -10.31
CA PHE A 290 17.30 -1.83 -9.23
C PHE A 290 18.10 -2.50 -8.11
N VAL A 291 19.14 -3.25 -8.50
CA VAL A 291 20.03 -3.94 -7.55
C VAL A 291 20.85 -2.93 -6.74
N TYR A 292 21.28 -1.87 -7.40
CA TYR A 292 22.07 -0.85 -6.75
C TYR A 292 21.25 -0.22 -5.63
N PHE A 293 20.03 0.21 -5.99
CA PHE A 293 19.13 0.89 -5.05
C PHE A 293 18.63 -0.03 -3.92
N ASN A 294 18.97 -1.31 -3.98
CA ASN A 294 18.59 -2.25 -2.93
C ASN A 294 19.77 -2.66 -2.06
N PHE A 295 20.85 -1.87 -2.09
CA PHE A 295 22.09 -2.19 -1.34
C PHE A 295 22.04 -2.10 0.22
N ASN A 296 20.86 -1.94 0.81
CA ASN A 296 20.79 -1.76 2.27
C ASN A 296 19.90 -2.79 3.02
N LYS A 304 13.19 -10.11 11.49
CA LYS A 304 13.86 -10.45 12.78
C LYS A 304 13.61 -11.89 13.23
N ASN A 305 12.33 -12.24 13.43
CA ASN A 305 11.94 -13.59 13.86
C ASN A 305 12.18 -14.61 12.77
N SER A 306 13.13 -15.50 13.04
CA SER A 306 13.48 -16.57 12.12
C SER A 306 12.58 -17.77 12.37
N ILE A 307 11.27 -17.57 12.18
CA ILE A 307 10.31 -18.68 12.09
C ILE A 307 10.67 -19.42 10.81
N HIS A 308 10.23 -20.68 10.71
CA HIS A 308 10.76 -21.61 9.73
C HIS A 308 10.09 -21.51 8.36
N PRO A 309 10.90 -21.58 7.28
CA PRO A 309 10.39 -21.51 5.91
C PRO A 309 9.24 -22.49 5.75
N ASN A 310 9.58 -23.78 5.77
CA ASN A 310 8.63 -24.89 5.59
C ASN A 310 7.23 -24.74 6.17
N ASP A 311 7.13 -24.02 7.29
CA ASP A 311 5.82 -23.74 7.90
C ASP A 311 4.85 -22.94 7.01
N PHE A 312 5.38 -22.35 5.93
CA PHE A 312 4.56 -21.58 4.99
C PHE A 312 4.72 -22.12 3.57
N GLN A 313 4.91 -23.43 3.50
CA GLN A 313 5.10 -24.17 2.26
C GLN A 313 4.11 -23.64 1.22
N ILE A 314 2.83 -23.93 1.48
CA ILE A 314 1.73 -23.55 0.60
C ILE A 314 1.64 -22.03 0.36
N TYR A 315 1.44 -21.26 1.42
CA TYR A 315 1.45 -19.79 1.37
C TYR A 315 2.55 -19.18 0.50
N ASN A 316 3.78 -19.68 0.67
CA ASN A 316 4.94 -19.12 -0.04
C ASN A 316 5.10 -19.65 -1.44
N SER A 317 4.43 -20.74 -1.75
CA SER A 317 4.47 -21.33 -3.09
C SER A 317 3.62 -20.56 -4.11
N LEU A 318 2.55 -19.90 -3.65
CA LEU A 318 1.66 -19.16 -4.56
C LEU A 318 2.38 -18.04 -5.26
N LYS A 319 2.14 -17.90 -6.56
CA LYS A 319 2.70 -16.75 -7.28
C LYS A 319 1.83 -15.48 -7.20
N TYR A 320 0.52 -15.61 -7.38
CA TYR A 320 -0.37 -14.44 -7.32
C TYR A 320 -1.43 -14.57 -6.22
N LYS A 321 -1.30 -13.73 -5.20
CA LYS A 321 -2.21 -13.72 -4.05
C LYS A 321 -3.10 -12.47 -4.13
N TYR A 322 -4.05 -12.47 -5.09
CA TYR A 322 -4.86 -11.29 -5.38
C TYR A 322 -6.22 -11.35 -4.73
N HIS A 323 -6.56 -12.49 -4.12
CA HIS A 323 -7.80 -12.61 -3.34
C HIS A 323 -7.76 -11.64 -2.14
N PRO A 324 -8.83 -10.89 -1.93
CA PRO A 324 -8.82 -9.89 -0.89
C PRO A 324 -8.46 -10.42 0.49
N GLU A 325 -8.79 -11.69 0.80
CA GLU A 325 -8.40 -12.33 2.07
C GLU A 325 -6.87 -12.24 2.33
N TYR A 326 -6.09 -12.17 1.25
CA TYR A 326 -4.65 -12.00 1.40
C TYR A 326 -4.25 -10.65 2.03
N GLN A 327 -5.16 -9.69 2.05
CA GLN A 327 -4.86 -8.44 2.74
C GLN A 327 -4.77 -8.73 4.21
N TYR A 328 -5.70 -9.53 4.69
CA TYR A 328 -5.63 -9.96 6.06
C TYR A 328 -4.39 -10.82 6.25
N LEU A 329 -4.29 -11.92 5.54
CA LEU A 329 -3.27 -12.93 5.76
C LEU A 329 -1.84 -12.40 5.63
N ASN A 330 -1.59 -11.52 4.68
CA ASN A 330 -0.27 -10.92 4.53
C ASN A 330 0.15 -10.06 5.75
N ILE A 331 -0.83 -9.50 6.47
CA ILE A 331 -0.57 -8.71 7.66
C ILE A 331 -0.07 -9.63 8.77
N ILE A 332 -0.76 -10.75 8.95
CA ILE A 332 -0.33 -11.77 9.87
C ILE A 332 1.08 -12.18 9.50
N TYR A 333 1.28 -12.52 8.24
CA TYR A 333 2.60 -12.93 7.80
C TYR A 333 3.61 -11.88 8.20
N ASP A 334 3.24 -10.61 8.00
CA ASP A 334 4.20 -9.54 8.22
C ASP A 334 4.56 -9.40 9.68
N ILE A 335 3.56 -9.54 10.54
CA ILE A 335 3.77 -9.44 11.96
C ILE A 335 4.64 -10.61 12.46
N MET A 336 4.46 -11.78 11.86
CA MET A 336 5.18 -12.99 12.30
C MET A 336 6.65 -12.88 11.96
N MET A 337 6.94 -12.32 10.79
CA MET A 337 8.28 -12.21 10.25
C MET A 337 8.99 -11.00 10.76
N ASN A 338 8.27 -9.92 11.03
CA ASN A 338 8.87 -8.61 11.30
C ASN A 338 8.42 -7.91 12.55
N GLY A 339 7.51 -8.52 13.29
CA GLY A 339 6.88 -7.85 14.41
C GLY A 339 7.76 -7.64 15.62
N ASN A 340 7.30 -6.81 16.54
CA ASN A 340 8.08 -6.50 17.70
C ASN A 340 7.61 -7.34 18.87
N LYS A 341 8.55 -7.99 19.56
CA LYS A 341 8.26 -8.78 20.76
C LYS A 341 7.97 -7.87 21.95
N GLN A 342 6.77 -8.02 22.51
CA GLN A 342 6.34 -7.23 23.65
C GLN A 342 5.51 -8.07 24.60
N SER A 343 5.50 -7.67 25.88
CA SER A 343 4.65 -8.33 26.85
C SER A 343 3.63 -7.33 27.40
N ASP A 344 2.41 -7.82 27.69
CA ASP A 344 1.41 -7.07 28.47
C ASP A 344 1.93 -6.94 29.92
N ARG A 345 1.37 -6.03 30.72
CA ARG A 345 1.80 -5.89 32.12
C ARG A 345 1.72 -7.23 32.90
N THR A 346 1.05 -8.21 32.26
CA THR A 346 0.74 -9.55 32.79
C THR A 346 1.81 -10.64 32.50
N GLY A 347 2.00 -10.96 31.22
CA GLY A 347 2.91 -12.05 30.82
C GLY A 347 2.63 -12.56 29.41
N VAL A 348 1.36 -12.51 29.00
CA VAL A 348 0.96 -12.96 27.66
C VAL A 348 1.80 -12.20 26.65
N GLY A 349 2.54 -12.92 25.81
CA GLY A 349 3.44 -12.29 24.85
C GLY A 349 2.76 -11.99 23.54
N VAL A 350 3.00 -10.82 22.97
CA VAL A 350 2.56 -10.54 21.61
C VAL A 350 3.72 -10.23 20.70
N LEU A 351 3.45 -10.27 19.40
CA LEU A 351 4.28 -9.63 18.36
C LEU A 351 3.43 -8.49 17.76
N SER A 352 4.03 -7.33 17.45
CA SER A 352 3.19 -6.18 17.03
C SER A 352 3.89 -5.22 16.08
N LYS A 353 3.11 -4.49 15.26
CA LYS A 353 3.63 -3.50 14.31
C LYS A 353 2.59 -2.38 14.25
N PHE A 354 2.89 -1.28 13.57
CA PHE A 354 2.11 -0.08 13.74
C PHE A 354 1.70 0.44 12.40
N GLY A 355 0.39 0.49 12.17
CA GLY A 355 -0.16 1.11 10.96
C GLY A 355 -0.18 0.23 9.72
N TYR A 356 -1.31 -0.43 9.49
CA TYR A 356 -1.64 -1.14 8.26
C TYR A 356 -2.98 -0.63 7.75
N ILE A 357 -3.27 -0.90 6.47
CA ILE A 357 -4.58 -0.59 5.89
C ILE A 357 -5.06 -1.77 5.04
N MET A 358 -6.35 -2.06 5.13
CA MET A 358 -6.92 -3.01 4.17
C MET A 358 -8.10 -2.35 3.49
N LYS A 359 -8.33 -2.68 2.21
CA LYS A 359 -9.50 -2.20 1.50
C LYS A 359 -10.36 -3.34 1.00
N PHE A 360 -11.67 -3.14 0.97
CA PHE A 360 -12.58 -4.18 0.56
C PHE A 360 -13.69 -3.58 -0.27
N ASP A 361 -13.96 -4.20 -1.42
CA ASP A 361 -14.99 -3.73 -2.31
C ASP A 361 -16.33 -4.41 -2.03
N LEU A 362 -17.15 -3.76 -1.23
CA LEU A 362 -18.38 -4.36 -0.82
C LEU A 362 -19.38 -4.52 -1.99
N SER A 363 -19.11 -3.85 -3.11
CA SER A 363 -20.00 -3.98 -4.26
C SER A 363 -19.77 -5.31 -5.01
N GLN A 364 -18.68 -6.00 -4.66
CA GLN A 364 -18.23 -7.21 -5.36
C GLN A 364 -18.30 -8.47 -4.51
N TYR A 365 -18.15 -8.35 -3.20
CA TYR A 365 -18.28 -9.51 -2.29
C TYR A 365 -18.52 -9.01 -0.87
N PHE A 366 -18.94 -9.91 0.03
CA PHE A 366 -18.92 -9.66 1.44
C PHE A 366 -17.72 -10.36 2.04
N PRO A 367 -16.81 -9.62 2.69
CA PRO A 367 -15.51 -10.14 3.16
C PRO A 367 -15.49 -10.94 4.48
N LEU A 368 -16.19 -12.05 4.49
CA LEU A 368 -16.16 -12.94 5.62
C LEU A 368 -15.05 -13.98 5.39
N LEU A 369 -14.05 -14.03 6.27
CA LEU A 369 -12.87 -14.84 5.97
C LEU A 369 -13.26 -16.27 5.66
N THR A 370 -12.52 -16.89 4.74
CA THR A 370 -12.84 -18.26 4.40
C THR A 370 -11.80 -19.25 4.91
N THR A 371 -10.61 -18.76 5.27
CA THR A 371 -9.58 -19.65 5.76
C THR A 371 -9.85 -20.17 7.18
N LYS A 372 -10.99 -19.80 7.77
CA LYS A 372 -11.53 -20.47 8.95
C LYS A 372 -13.01 -20.13 9.05
N LYS A 373 -13.74 -20.85 9.89
CA LYS A 373 -15.17 -20.62 10.03
C LYS A 373 -15.51 -19.51 11.03
N LEU A 374 -16.39 -18.61 10.61
CA LEU A 374 -16.85 -17.57 11.48
C LEU A 374 -18.38 -17.61 11.55
N PHE A 375 -18.94 -17.50 12.76
CA PHE A 375 -20.39 -17.29 12.96
C PHE A 375 -20.67 -15.81 13.14
N LEU A 376 -21.73 -15.33 12.48
CA LEU A 376 -22.06 -13.92 12.43
C LEU A 376 -23.24 -13.46 13.31
N ARG A 377 -24.03 -14.40 13.81
CA ARG A 377 -25.15 -14.04 14.69
C ARG A 377 -24.73 -13.07 15.83
N GLY A 378 -23.71 -13.46 16.59
CA GLY A 378 -23.24 -12.71 17.74
C GLY A 378 -22.97 -11.29 17.32
N ILE A 379 -22.08 -11.14 16.35
CA ILE A 379 -21.60 -9.83 15.98
C ILE A 379 -22.70 -9.01 15.36
N ILE A 380 -23.73 -9.64 14.80
CA ILE A 380 -24.88 -8.88 14.28
C ILE A 380 -25.71 -8.42 15.47
N GLU A 381 -26.00 -9.33 16.41
CA GLU A 381 -26.67 -8.92 17.65
C GLU A 381 -25.98 -7.74 18.36
N GLU A 382 -24.65 -7.81 18.48
CA GLU A 382 -23.88 -6.70 19.04
C GLU A 382 -24.10 -5.41 18.26
N LEU A 383 -24.16 -5.54 16.94
CA LEU A 383 -24.32 -4.36 16.13
C LEU A 383 -25.71 -3.70 16.37
N LEU A 384 -26.73 -4.53 16.50
CA LEU A 384 -28.07 -4.02 16.70
C LEU A 384 -28.15 -3.41 18.09
N TRP A 385 -27.43 -4.02 19.02
CA TRP A 385 -27.37 -3.54 20.37
C TRP A 385 -26.68 -2.14 20.42
N PHE A 386 -25.59 -1.96 19.67
CA PHE A 386 -25.01 -0.61 19.55
C PHE A 386 -26.08 0.36 19.09
N ILE A 387 -26.80 0.00 18.03
CA ILE A 387 -27.70 0.95 17.36
C ILE A 387 -28.83 1.37 18.26
N ARG A 388 -29.36 0.44 19.07
CA ARG A 388 -30.38 0.81 20.04
C ARG A 388 -29.81 1.70 21.17
N GLY A 389 -28.48 1.89 21.15
CA GLY A 389 -27.85 2.70 22.17
C GLY A 389 -27.71 1.98 23.50
N GLU A 390 -27.81 0.66 23.50
CA GLU A 390 -27.76 -0.09 24.77
C GLU A 390 -26.37 -0.24 25.37
N THR A 391 -26.34 -0.35 26.70
CA THR A 391 -25.08 -0.58 27.41
C THR A 391 -25.25 -1.72 28.41
N ASN A 392 -26.32 -2.48 28.24
CA ASN A 392 -26.71 -3.55 29.16
C ASN A 392 -26.29 -4.88 28.61
N GLY A 393 -25.22 -5.44 29.18
CA GLY A 393 -24.71 -6.74 28.75
C GLY A 393 -25.67 -7.90 28.83
N ASN A 394 -26.72 -7.74 29.66
CA ASN A 394 -27.66 -8.82 29.93
C ASN A 394 -28.50 -9.08 28.70
N THR A 395 -28.82 -8.01 27.97
CA THR A 395 -29.52 -8.12 26.71
C THR A 395 -28.80 -9.12 25.81
N LEU A 396 -27.51 -8.91 25.57
CA LEU A 396 -26.72 -9.86 24.76
C LEU A 396 -26.68 -11.31 25.33
N LEU A 397 -26.33 -11.46 26.60
CA LEU A 397 -26.27 -12.80 27.22
C LEU A 397 -27.61 -13.59 27.08
N ASN A 398 -28.72 -12.87 27.12
CA ASN A 398 -30.03 -13.52 27.01
C ASN A 398 -30.33 -14.09 25.62
N LYS A 399 -29.55 -13.63 24.65
CA LYS A 399 -29.55 -14.15 23.29
C LYS A 399 -28.37 -15.12 23.09
N ASN A 400 -27.82 -15.61 24.20
CA ASN A 400 -26.63 -16.48 24.17
C ASN A 400 -25.38 -15.94 23.39
N VAL A 401 -25.12 -14.65 23.49
CA VAL A 401 -23.99 -13.97 22.85
C VAL A 401 -23.07 -13.45 23.95
N ARG A 402 -21.85 -13.98 24.00
CA ARG A 402 -20.98 -13.78 25.15
C ARG A 402 -19.80 -12.87 24.89
N ILE A 403 -19.83 -12.13 23.79
CA ILE A 403 -18.72 -11.28 23.37
C ILE A 403 -18.26 -10.34 24.49
N TRP A 404 -19.22 -9.88 25.33
CA TRP A 404 -18.93 -8.92 26.39
C TRP A 404 -19.04 -9.49 27.78
N GLU A 405 -19.21 -10.80 27.91
CA GLU A 405 -19.38 -11.38 29.22
C GLU A 405 -18.22 -11.03 30.13
N ALA A 406 -17.00 -11.26 29.64
CA ALA A 406 -15.81 -11.14 30.48
C ALA A 406 -15.58 -9.70 31.01
N ASN A 407 -16.04 -8.69 30.26
CA ASN A 407 -15.79 -7.30 30.60
C ASN A 407 -16.88 -6.82 31.53
N GLY A 408 -17.83 -7.70 31.80
CA GLY A 408 -18.94 -7.35 32.67
C GLY A 408 -18.97 -8.01 34.04
N THR A 409 -17.94 -8.78 34.38
CA THR A 409 -17.92 -9.47 35.67
C THR A 409 -17.67 -8.52 36.87
N ARG A 410 -18.08 -8.96 38.05
CA ARG A 410 -17.77 -8.26 39.28
C ARG A 410 -16.28 -7.99 39.38
N GLU A 411 -15.45 -8.99 39.07
CA GLU A 411 -13.98 -8.88 39.13
C GLU A 411 -13.41 -7.91 38.13
N PHE A 412 -13.93 -7.95 36.92
CA PHE A 412 -13.40 -7.13 35.87
C PHE A 412 -13.72 -5.68 36.15
N LEU A 413 -14.95 -5.42 36.60
CA LEU A 413 -15.34 -4.06 36.98
C LEU A 413 -14.57 -3.52 38.19
N ASP A 414 -14.39 -4.36 39.22
CA ASP A 414 -13.59 -3.97 40.40
C ASP A 414 -12.16 -3.61 39.99
N ASN A 415 -11.51 -4.52 39.26
CA ASN A 415 -10.19 -4.23 38.70
C ASN A 415 -10.15 -2.98 37.83
N ARG A 416 -11.28 -2.61 37.22
CA ARG A 416 -11.41 -1.32 36.52
C ARG A 416 -11.75 -0.12 37.43
N LYS A 417 -11.83 -0.37 38.74
CA LYS A 417 -12.16 0.62 39.77
C LYS A 417 -13.61 1.09 39.67
N LEU A 418 -14.46 0.27 39.07
CA LEU A 418 -15.87 0.60 38.92
C LEU A 418 -16.65 -0.16 39.98
N PHE A 419 -16.22 0.02 41.22
CA PHE A 419 -16.80 -0.66 42.38
C PHE A 419 -18.29 -0.39 42.50
N HIS A 420 -18.78 0.67 41.89
CA HIS A 420 -20.18 1.00 42.03
C HIS A 420 -21.00 0.65 40.80
N ARG A 421 -20.45 -0.21 39.97
CA ARG A 421 -21.10 -0.54 38.73
C ARG A 421 -21.69 -1.91 38.91
N GLU A 422 -22.98 -2.05 38.60
CA GLU A 422 -23.67 -3.35 38.60
C GLU A 422 -23.07 -4.28 37.55
N VAL A 423 -22.92 -5.56 37.91
CA VAL A 423 -22.40 -6.60 37.02
C VAL A 423 -23.08 -6.50 35.67
N ASN A 424 -22.30 -6.58 34.60
CA ASN A 424 -22.84 -6.41 33.21
C ASN A 424 -23.33 -4.99 32.84
N ASP A 425 -23.09 -4.00 33.69
CA ASP A 425 -23.35 -2.61 33.28
C ASP A 425 -22.02 -2.11 32.77
N LEU A 426 -21.87 -2.15 31.44
CA LEU A 426 -20.63 -1.86 30.73
C LEU A 426 -20.18 -0.39 30.77
N GLY A 427 -21.14 0.51 31.03
CA GLY A 427 -20.84 1.94 31.11
C GLY A 427 -21.07 2.65 29.79
N PRO A 428 -20.55 3.90 29.67
CA PRO A 428 -20.79 4.72 28.46
C PRO A 428 -19.99 4.28 27.24
N ILE A 429 -20.15 3.02 26.85
CA ILE A 429 -19.47 2.45 25.70
C ILE A 429 -20.19 2.73 24.38
N TYR A 430 -19.70 2.17 23.29
CA TYR A 430 -20.27 2.38 21.92
C TYR A 430 -21.70 2.87 21.77
N GLY A 431 -22.65 2.01 22.08
CA GLY A 431 -24.05 2.36 21.93
C GLY A 431 -24.42 3.72 22.47
N PHE A 432 -23.92 3.98 23.69
CA PHE A 432 -24.13 5.24 24.41
C PHE A 432 -23.48 6.41 23.71
N GLN A 433 -22.22 6.24 23.31
CA GLN A 433 -21.53 7.28 22.55
C GLN A 433 -22.21 7.58 21.22
N TRP A 434 -22.66 6.53 20.53
CA TRP A 434 -23.34 6.66 19.25
C TRP A 434 -24.69 7.41 19.33
N ARG A 435 -25.47 7.13 20.38
CA ARG A 435 -26.76 7.80 20.55
C ARG A 435 -26.80 8.99 21.53
N HIS A 436 -25.80 9.12 22.43
CA HIS A 436 -25.87 10.10 23.55
C HIS A 436 -24.54 10.74 24.01
N PHE A 437 -23.61 10.95 23.08
CA PHE A 437 -22.29 11.52 23.38
C PHE A 437 -22.40 12.83 24.14
N GLY A 438 -21.82 12.85 25.33
CA GLY A 438 -21.80 14.04 26.15
C GLY A 438 -22.79 14.02 27.28
N ALA A 439 -23.70 13.06 27.29
CA ALA A 439 -24.68 12.95 28.38
C ALA A 439 -24.02 12.28 29.57
N GLU A 440 -24.46 12.61 30.78
CA GLU A 440 -23.87 12.02 31.98
C GLU A 440 -24.43 10.63 32.16
N TYR A 441 -23.56 9.63 32.09
CA TYR A 441 -23.95 8.25 32.25
C TYR A 441 -24.35 8.07 33.69
N THR A 442 -25.45 7.35 33.92
CA THR A 442 -25.98 7.07 35.24
C THR A 442 -25.88 5.54 35.42
N ASN A 443 -26.83 4.78 34.85
CA ASN A 443 -26.76 3.30 34.77
C ASN A 443 -27.40 2.75 33.50
N MET A 444 -27.29 1.45 33.29
CA MET A 444 -27.70 0.86 32.04
C MET A 444 -29.21 0.85 31.80
N TYR A 445 -30.01 1.23 32.80
CA TYR A 445 -31.47 1.17 32.69
C TYR A 445 -32.04 2.54 32.52
N ASP A 446 -31.23 3.56 32.74
CA ASP A 446 -31.74 4.92 32.60
C ASP A 446 -32.35 5.19 31.21
N ASN A 447 -33.08 6.29 31.08
CA ASN A 447 -33.67 6.70 29.82
C ASN A 447 -32.93 7.92 29.30
N TYR A 448 -32.17 7.77 28.24
CA TYR A 448 -31.29 8.86 27.83
C TYR A 448 -31.83 9.69 26.67
N GLU A 449 -33.10 9.50 26.31
CA GLU A 449 -33.63 10.07 25.07
C GLU A 449 -33.51 11.59 25.07
N ASN A 450 -32.99 12.16 23.97
CA ASN A 450 -32.70 13.60 23.85
C ASN A 450 -31.62 14.13 24.76
N LYS A 451 -30.82 13.24 25.34
CA LYS A 451 -29.65 13.68 26.05
C LYS A 451 -28.43 13.29 25.25
N GLY A 452 -27.42 14.15 25.28
CA GLY A 452 -26.23 13.91 24.47
C GLY A 452 -26.44 14.09 22.98
N VAL A 453 -25.40 13.90 22.19
CA VAL A 453 -25.48 14.14 20.75
C VAL A 453 -25.80 12.84 20.03
N ASP A 454 -26.92 12.80 19.30
CA ASP A 454 -27.25 11.61 18.49
C ASP A 454 -26.43 11.55 17.19
N GLN A 455 -25.19 11.06 17.32
CA GLN A 455 -24.25 11.00 16.21
C GLN A 455 -24.78 10.17 15.03
N LEU A 456 -25.32 8.99 15.34
CA LEU A 456 -25.85 8.10 14.35
C LEU A 456 -26.84 8.81 13.45
N LYS A 457 -27.86 9.41 14.05
CA LYS A 457 -28.83 10.25 13.34
C LYS A 457 -28.22 11.37 12.53
N ASN A 458 -27.23 12.08 13.08
CA ASN A 458 -26.66 13.21 12.35
C ASN A 458 -25.91 12.75 11.11
N ILE A 459 -25.15 11.64 11.24
CA ILE A 459 -24.36 11.15 10.10
C ILE A 459 -25.33 10.61 9.00
N ILE A 460 -26.34 9.85 9.39
CA ILE A 460 -27.42 9.52 8.44
C ILE A 460 -28.03 10.77 7.79
N ASN A 461 -28.29 11.81 8.57
CA ASN A 461 -28.79 13.09 8.02
C ASN A 461 -27.80 13.80 7.10
N LEU A 462 -26.52 13.77 7.44
CA LEU A 462 -25.47 14.38 6.60
C LEU A 462 -25.32 13.64 5.28
N ILE A 463 -25.35 12.31 5.36
CA ILE A 463 -25.23 11.50 4.16
C ILE A 463 -26.38 11.79 3.19
N LYS A 464 -27.58 11.92 3.74
CA LYS A 464 -28.76 12.22 2.96
C LYS A 464 -28.75 13.64 2.41
N ASN A 465 -28.47 14.64 3.23
CA ASN A 465 -28.73 16.00 2.80
C ASN A 465 -27.53 16.85 2.45
N ASP A 466 -26.34 16.38 2.83
CA ASP A 466 -25.11 17.13 2.55
C ASP A 466 -23.98 16.14 2.19
N PRO A 467 -24.17 15.32 1.11
CA PRO A 467 -23.26 14.18 0.82
C PRO A 467 -21.78 14.51 0.56
N THR A 468 -21.47 15.70 0.08
CA THR A 468 -20.06 16.12 -0.07
C THR A 468 -19.35 16.50 1.24
N SER A 469 -20.05 16.47 2.36
CA SER A 469 -19.45 16.83 3.64
C SER A 469 -18.22 15.99 3.96
N ARG A 470 -17.23 16.64 4.54
CA ARG A 470 -16.01 15.98 4.96
C ARG A 470 -16.02 15.82 6.49
N ARG A 471 -17.22 15.88 7.06
CA ARG A 471 -17.43 15.86 8.50
C ARG A 471 -18.28 14.69 8.96
N ILE A 472 -18.56 13.72 8.06
CA ILE A 472 -19.44 12.59 8.37
C ILE A 472 -18.64 11.54 9.12
N LEU A 473 -18.59 11.69 10.44
CA LEU A 473 -17.78 10.88 11.30
C LEU A 473 -18.58 10.45 12.48
N LEU A 474 -18.45 9.18 12.81
CA LEU A 474 -19.07 8.66 13.98
C LEU A 474 -17.92 8.22 14.92
N CYS A 475 -17.87 8.78 16.13
CA CYS A 475 -16.70 8.63 17.03
C CYS A 475 -17.06 8.05 18.39
N ALA A 476 -16.42 6.94 18.72
CA ALA A 476 -16.70 6.20 19.94
C ALA A 476 -15.83 6.72 21.12
N TRP A 477 -14.77 7.42 20.77
CA TRP A 477 -13.69 7.66 21.69
C TRP A 477 -13.95 8.95 22.43
N ASN A 478 -14.74 8.85 23.48
CA ASN A 478 -15.07 9.98 24.32
C ASN A 478 -14.10 10.07 25.49
N VAL A 479 -13.06 10.87 25.30
CA VAL A 479 -11.96 11.10 26.26
C VAL A 479 -12.45 11.20 27.75
N LYS A 480 -13.56 11.92 27.93
CA LYS A 480 -14.13 12.20 29.23
C LYS A 480 -14.71 10.97 29.92
N ASP A 481 -15.24 10.02 29.14
CA ASP A 481 -15.94 8.86 29.70
C ASP A 481 -15.08 7.64 29.69
N LEU A 482 -13.87 7.76 29.15
CA LEU A 482 -13.01 6.60 28.99
C LEU A 482 -12.96 5.73 30.25
N ASP A 483 -12.66 6.33 31.42
CA ASP A 483 -12.49 5.55 32.64
C ASP A 483 -13.78 4.95 33.18
N GLN A 484 -14.92 5.42 32.68
CA GLN A 484 -16.21 4.89 33.13
C GLN A 484 -16.65 3.66 32.33
N MET A 485 -16.08 3.50 31.14
CA MET A 485 -16.33 2.35 30.25
C MET A 485 -15.64 1.12 30.79
N ALA A 486 -16.32 -0.02 30.77
CA ALA A 486 -15.70 -1.32 31.10
C ALA A 486 -14.33 -1.47 30.41
N LEU A 487 -14.25 -1.08 29.14
CA LEU A 487 -12.97 -0.66 28.51
C LEU A 487 -13.12 0.30 27.32
N PRO A 488 -12.08 1.12 27.07
CA PRO A 488 -12.12 2.05 25.96
C PRO A 488 -12.38 1.34 24.64
N PRO A 489 -12.97 2.04 23.67
CA PRO A 489 -13.30 1.38 22.42
C PRO A 489 -12.07 1.02 21.62
N CYS A 490 -12.11 -0.17 21.04
CA CYS A 490 -11.06 -0.61 20.17
C CYS A 490 -11.19 0.09 18.83
N HIS A 491 -12.43 0.29 18.38
CA HIS A 491 -12.71 0.89 17.10
C HIS A 491 -13.02 2.31 17.34
N ILE A 492 -12.09 3.17 16.95
CA ILE A 492 -12.15 4.54 17.36
C ILE A 492 -13.27 5.29 16.68
N LEU A 493 -13.36 5.18 15.34
CA LEU A 493 -14.17 6.07 14.53
C LEU A 493 -14.51 5.48 13.15
N CYS A 494 -15.48 6.08 12.48
CA CYS A 494 -15.96 5.72 11.15
C CYS A 494 -16.06 7.02 10.40
N GLN A 495 -15.40 7.11 9.26
CA GLN A 495 -15.66 8.23 8.38
C GLN A 495 -16.30 7.74 7.08
N PHE A 496 -17.31 8.48 6.63
CA PHE A 496 -18.06 8.09 5.47
C PHE A 496 -17.73 9.01 4.35
N TYR A 497 -18.00 8.53 3.13
CA TYR A 497 -17.72 9.24 1.89
C TYR A 497 -18.75 8.84 0.87
N VAL A 498 -19.21 9.82 0.10
CA VAL A 498 -20.29 9.61 -0.85
C VAL A 498 -19.88 10.21 -2.18
N PHE A 499 -19.97 9.40 -3.23
CA PHE A 499 -19.79 9.86 -4.60
C PHE A 499 -20.64 9.02 -5.53
N ASP A 500 -21.38 9.68 -6.43
CA ASP A 500 -22.12 8.96 -7.48
C ASP A 500 -23.07 7.89 -6.91
N GLY A 501 -23.78 8.25 -5.85
CA GLY A 501 -24.77 7.35 -5.25
C GLY A 501 -24.19 6.13 -4.54
N LYS A 502 -22.90 6.21 -4.22
CA LYS A 502 -22.16 5.09 -3.58
C LYS A 502 -21.47 5.57 -2.32
N LEU A 503 -21.48 4.72 -1.30
CA LEU A 503 -21.04 5.04 0.06
C LEU A 503 -19.84 4.22 0.44
N SER A 504 -18.76 4.89 0.86
CA SER A 504 -17.57 4.23 1.39
C SER A 504 -17.32 4.64 2.83
N CYS A 505 -16.50 3.87 3.52
CA CYS A 505 -16.37 4.00 4.95
C CYS A 505 -14.97 3.59 5.40
N ILE A 506 -14.28 4.49 6.10
CA ILE A 506 -13.03 4.17 6.76
C ILE A 506 -13.34 3.97 8.22
N MET A 507 -12.90 2.86 8.80
CA MET A 507 -12.95 2.67 10.26
C MET A 507 -11.53 2.69 10.82
N TYR A 508 -11.27 3.46 11.85
CA TYR A 508 -9.93 3.47 12.42
C TYR A 508 -9.92 2.65 13.69
N GLN A 509 -9.03 1.67 13.77
CA GLN A 509 -8.98 0.80 14.95
C GLN A 509 -7.63 0.92 15.69
N ARG A 510 -7.66 1.33 16.93
CA ARG A 510 -6.42 1.62 17.64
C ARG A 510 -5.69 0.35 18.06
N SER A 511 -6.45 -0.71 18.28
CA SER A 511 -5.85 -1.89 18.84
C SER A 511 -6.50 -3.13 18.31
N CYS A 512 -5.65 -3.96 17.75
CA CYS A 512 -6.15 -4.99 16.89
C CYS A 512 -5.47 -6.26 17.26
N ASP A 513 -6.29 -7.19 17.75
CA ASP A 513 -5.89 -8.55 17.92
C ASP A 513 -6.19 -9.21 16.57
N LEU A 514 -5.16 -9.45 15.79
CA LEU A 514 -5.28 -10.00 14.45
C LEU A 514 -5.87 -11.43 14.46
N GLY A 515 -5.51 -12.20 15.49
CA GLY A 515 -5.95 -13.58 15.58
C GLY A 515 -7.44 -13.81 15.72
N LEU A 516 -8.17 -12.97 16.49
CA LEU A 516 -9.59 -13.21 16.77
C LEU A 516 -10.45 -12.01 16.50
N GLY A 517 -9.97 -10.87 17.00
CA GLY A 517 -10.73 -9.66 16.88
C GLY A 517 -10.99 -9.36 15.41
N VAL A 518 -9.90 -9.24 14.64
CA VAL A 518 -9.97 -8.56 13.34
C VAL A 518 -10.98 -9.15 12.31
N PRO A 519 -11.01 -10.49 12.16
CA PRO A 519 -11.98 -11.05 11.23
C PRO A 519 -13.40 -10.64 11.62
N PHE A 520 -13.74 -10.67 12.92
CA PHE A 520 -15.06 -10.19 13.36
C PHE A 520 -15.24 -8.71 13.07
N ASN A 521 -14.22 -7.89 13.30
CA ASN A 521 -14.37 -6.43 13.12
C ASN A 521 -14.59 -6.04 11.64
N ILE A 522 -13.91 -6.74 10.71
CA ILE A 522 -14.09 -6.55 9.26
C ILE A 522 -15.55 -6.80 8.90
N ALA A 523 -16.10 -7.89 9.42
CA ALA A 523 -17.49 -8.23 9.13
C ALA A 523 -18.47 -7.19 9.69
N SER A 524 -18.33 -6.84 10.99
CA SER A 524 -19.22 -5.86 11.66
C SER A 524 -19.39 -4.59 10.85
N TYR A 525 -18.26 -4.01 10.46
CA TYR A 525 -18.27 -2.72 9.79
C TYR A 525 -18.64 -2.83 8.33
N SER A 526 -18.35 -3.98 7.72
CA SER A 526 -18.93 -4.28 6.42
C SER A 526 -20.46 -4.24 6.49
N ILE A 527 -21.04 -4.96 7.45
CA ILE A 527 -22.50 -4.94 7.61
C ILE A 527 -23.01 -3.50 7.85
N PHE A 528 -22.39 -2.79 8.79
CA PHE A 528 -22.80 -1.43 9.11
C PHE A 528 -22.84 -0.55 7.86
N THR A 529 -21.82 -0.62 7.01
CA THR A 529 -21.80 0.13 5.73
C THR A 529 -23.03 -0.19 4.84
N HIS A 530 -23.37 -1.50 4.76
CA HIS A 530 -24.57 -1.95 4.04
C HIS A 530 -25.79 -1.33 4.64
N MET A 531 -25.92 -1.42 5.97
CA MET A 531 -27.08 -0.85 6.67
C MET A 531 -27.22 0.65 6.44
N ILE A 532 -26.14 1.41 6.70
CA ILE A 532 -26.15 2.85 6.44
C ILE A 532 -26.48 3.18 4.98
N ALA A 533 -25.82 2.50 4.03
CA ALA A 533 -26.02 2.78 2.60
C ALA A 533 -27.48 2.63 2.22
N GLN A 534 -28.08 1.52 2.66
CA GLN A 534 -29.45 1.18 2.31
C GLN A 534 -30.46 2.19 2.80
N VAL A 535 -30.41 2.51 4.11
CA VAL A 535 -31.31 3.52 4.68
C VAL A 535 -31.03 4.94 4.14
N CYS A 536 -29.93 5.14 3.43
CA CYS A 536 -29.71 6.38 2.69
C CYS A 536 -29.93 6.25 1.17
N ASN A 537 -30.44 5.11 0.71
CA ASN A 537 -30.63 4.88 -0.72
C ASN A 537 -29.34 5.09 -1.53
N LEU A 538 -28.27 4.45 -1.09
CA LEU A 538 -27.02 4.44 -1.86
C LEU A 538 -26.59 2.99 -1.98
N GLN A 539 -25.54 2.76 -2.74
CA GLN A 539 -24.98 1.42 -2.92
C GLN A 539 -23.65 1.38 -2.15
N PRO A 540 -23.40 0.31 -1.39
CA PRO A 540 -22.11 0.24 -0.73
C PRO A 540 -20.95 0.18 -1.73
N ALA A 541 -19.88 0.90 -1.43
CA ALA A 541 -18.67 0.82 -2.22
C ALA A 541 -17.51 0.23 -1.38
N GLN A 542 -16.50 1.02 -1.02
CA GLN A 542 -15.32 0.52 -0.28
C GLN A 542 -15.41 0.50 1.26
N PHE A 543 -14.99 -0.59 1.90
CA PHE A 543 -14.74 -0.58 3.34
C PHE A 543 -13.23 -0.61 3.50
N ILE A 544 -12.73 0.38 4.24
CA ILE A 544 -11.29 0.64 4.37
C ILE A 544 -11.02 0.59 5.86
N HIS A 545 -10.19 -0.37 6.27
CA HIS A 545 -9.92 -0.69 7.68
C HIS A 545 -8.49 -0.25 8.02
N VAL A 546 -8.34 0.70 8.94
CA VAL A 546 -7.04 1.18 9.35
C VAL A 546 -6.69 0.64 10.73
N LEU A 547 -5.51 0.04 10.81
CA LEU A 547 -5.01 -0.58 12.04
C LEU A 547 -3.87 0.23 12.60
N GLY A 548 -4.00 0.70 13.84
CA GLY A 548 -2.89 1.34 14.53
C GLY A 548 -1.98 0.26 15.07
N ASN A 549 -2.14 -0.06 16.34
CA ASN A 549 -1.34 -1.09 16.98
C ASN A 549 -1.93 -2.41 16.57
N ALA A 550 -1.21 -3.12 15.70
CA ALA A 550 -1.72 -4.37 15.17
C ALA A 550 -0.87 -5.48 15.73
N HIS A 551 -1.46 -6.43 16.43
CA HIS A 551 -0.65 -7.44 17.12
C HIS A 551 -1.24 -8.84 17.03
N VAL A 552 -0.35 -9.82 17.16
CA VAL A 552 -0.72 -11.22 17.24
C VAL A 552 -0.29 -11.81 18.59
N TYR A 553 -1.17 -12.55 19.26
CA TYR A 553 -0.76 -13.30 20.48
C TYR A 553 0.12 -14.50 20.17
N ASN A 554 1.26 -14.58 20.87
CA ASN A 554 2.21 -15.69 20.70
C ASN A 554 1.60 -17.09 20.66
N ASN A 555 0.61 -17.34 21.50
CA ASN A 555 0.00 -18.65 21.50
C ASN A 555 -1.04 -18.82 20.41
N HIS A 556 -1.24 -17.80 19.57
CA HIS A 556 -2.03 -17.98 18.38
C HIS A 556 -1.17 -18.38 17.20
N ILE A 557 0.13 -18.16 17.33
CA ILE A 557 1.08 -18.40 16.23
C ILE A 557 0.90 -19.73 15.48
N ASP A 558 0.79 -20.86 16.20
CA ASP A 558 0.66 -22.18 15.56
C ASP A 558 -0.62 -22.25 14.72
N SER A 559 -1.69 -21.72 15.30
CA SER A 559 -2.97 -21.72 14.64
C SER A 559 -2.94 -20.82 13.41
N LEU A 560 -2.39 -19.63 13.53
CA LEU A 560 -2.30 -18.74 12.40
C LEU A 560 -1.43 -19.34 11.31
N LYS A 561 -0.38 -20.06 11.72
CA LYS A 561 0.46 -20.83 10.81
C LYS A 561 -0.37 -21.76 9.95
N ILE A 562 -1.28 -22.49 10.58
CA ILE A 562 -2.16 -23.39 9.88
C ILE A 562 -3.06 -22.61 8.90
N GLN A 563 -3.75 -21.58 9.40
CA GLN A 563 -4.65 -20.76 8.58
C GLN A 563 -3.94 -20.18 7.37
N LEU A 564 -2.74 -19.65 7.59
CA LEU A 564 -1.95 -19.01 6.55
C LEU A 564 -1.67 -19.91 5.34
N ASN A 565 -1.90 -21.22 5.48
CA ASN A 565 -1.65 -22.18 4.40
C ASN A 565 -2.90 -22.70 3.78
N ARG A 566 -4.04 -22.23 4.22
CA ARG A 566 -5.24 -22.58 3.57
C ARG A 566 -5.38 -21.59 2.41
N ILE A 567 -5.98 -22.04 1.31
CA ILE A 567 -6.26 -21.17 0.17
C ILE A 567 -7.65 -20.63 0.30
N PRO A 568 -7.80 -19.33 0.10
CA PRO A 568 -9.16 -18.83 0.30
C PRO A 568 -10.16 -19.33 -0.77
N TYR A 569 -11.43 -19.29 -0.39
CA TYR A 569 -12.53 -19.59 -1.26
C TYR A 569 -13.16 -18.28 -1.75
N PRO A 570 -13.94 -18.33 -2.86
CA PRO A 570 -14.63 -17.09 -3.20
C PRO A 570 -15.52 -16.67 -2.06
N PHE A 571 -15.51 -15.40 -1.75
CA PHE A 571 -16.31 -14.86 -0.66
C PHE A 571 -17.79 -15.12 -0.85
N PRO A 572 -18.56 -15.08 0.25
CA PRO A 572 -20.02 -15.13 0.15
C PRO A 572 -20.58 -13.75 -0.14
N THR A 573 -21.91 -13.62 -0.10
CA THR A 573 -22.56 -12.32 -0.28
C THR A 573 -23.50 -12.03 0.88
N LEU A 574 -23.75 -10.76 1.13
CA LEU A 574 -24.68 -10.37 2.17
C LEU A 574 -25.98 -9.79 1.61
N LYS A 575 -27.11 -10.29 2.08
CA LYS A 575 -28.37 -9.68 1.68
C LYS A 575 -29.18 -9.16 2.87
N LEU A 576 -29.71 -7.95 2.64
CA LEU A 576 -30.50 -7.22 3.61
C LEU A 576 -31.92 -7.12 3.10
N ASN A 577 -32.85 -7.40 3.99
CA ASN A 577 -34.23 -7.12 3.72
C ASN A 577 -34.32 -5.70 3.16
N PRO A 578 -34.88 -5.53 1.95
CA PRO A 578 -34.89 -4.18 1.38
C PRO A 578 -36.03 -3.29 1.88
N ASP A 579 -36.99 -3.87 2.61
CA ASP A 579 -38.10 -3.08 3.16
C ASP A 579 -37.64 -2.18 4.33
N ILE A 580 -36.46 -2.43 4.89
CA ILE A 580 -35.99 -1.70 6.07
C ILE A 580 -35.41 -0.36 5.65
N LYS A 581 -35.94 0.73 6.20
CA LYS A 581 -35.72 2.05 5.62
C LYS A 581 -35.20 3.05 6.66
N ASN A 582 -35.29 2.66 7.93
CA ASN A 582 -34.63 3.42 8.99
C ASN A 582 -33.62 2.52 9.74
N ILE A 583 -32.47 3.11 10.09
CA ILE A 583 -31.35 2.38 10.69
C ILE A 583 -31.74 1.67 11.96
N GLU A 584 -32.76 2.20 12.64
CA GLU A 584 -33.27 1.68 13.90
C GLU A 584 -34.21 0.48 13.72
N ASP A 585 -34.65 0.23 12.48
CA ASP A 585 -35.69 -0.77 12.22
C ASP A 585 -35.19 -2.17 11.83
N PHE A 586 -33.89 -2.38 11.78
CA PHE A 586 -33.33 -3.73 11.46
C PHE A 586 -33.43 -4.69 12.63
N THR A 587 -33.67 -5.96 12.30
CA THR A 587 -33.75 -7.06 13.24
C THR A 587 -32.96 -8.21 12.65
N ILE A 588 -32.64 -9.23 13.44
CA ILE A 588 -31.66 -10.22 13.05
C ILE A 588 -32.02 -10.99 11.78
N SER A 589 -33.30 -11.26 11.58
CA SER A 589 -33.69 -12.07 10.43
C SER A 589 -33.75 -11.21 9.14
N ASP A 590 -33.28 -9.97 9.21
CA ASP A 590 -33.20 -9.12 8.01
C ASP A 590 -31.87 -9.29 7.28
N PHE A 591 -31.01 -10.16 7.79
CA PHE A 591 -29.66 -10.40 7.29
C PHE A 591 -29.50 -11.85 6.81
N THR A 592 -28.96 -12.04 5.61
CA THR A 592 -28.64 -13.39 5.16
C THR A 592 -27.29 -13.42 4.49
N ILE A 593 -26.45 -14.36 4.95
CA ILE A 593 -25.24 -14.70 4.22
C ILE A 593 -25.58 -15.82 3.24
N GLN A 594 -25.19 -15.62 1.99
CA GLN A 594 -25.43 -16.63 0.99
C GLN A 594 -24.10 -17.08 0.48
N ASN A 595 -23.95 -18.41 0.42
CA ASN A 595 -22.84 -19.06 -0.25
C ASN A 595 -21.56 -18.84 0.52
N TYR A 596 -21.64 -18.96 1.84
CA TYR A 596 -20.44 -18.92 2.61
C TYR A 596 -19.71 -20.25 2.44
N VAL A 597 -18.61 -20.22 1.69
CA VAL A 597 -17.77 -21.42 1.58
C VAL A 597 -16.49 -21.11 2.33
N HIS A 598 -16.11 -22.02 3.23
CA HIS A 598 -15.06 -21.81 4.23
C HIS A 598 -14.39 -23.10 4.67
N HIS A 599 -13.14 -22.97 5.08
CA HIS A 599 -12.40 -24.04 5.71
C HIS A 599 -12.93 -24.36 7.11
N GLU A 600 -12.34 -25.37 7.74
CA GLU A 600 -12.79 -25.85 9.04
C GLU A 600 -12.50 -24.84 10.17
N LYS A 601 -13.40 -24.76 11.14
CA LYS A 601 -13.21 -23.97 12.37
C LYS A 601 -11.85 -24.22 13.01
N ILE A 602 -11.26 -23.17 13.60
CA ILE A 602 -9.98 -23.29 14.33
C ILE A 602 -10.07 -22.72 15.76
N SER A 603 -9.49 -23.47 16.71
CA SER A 603 -9.16 -22.98 18.06
C SER A 603 -7.88 -22.19 17.97
N MET A 604 -7.94 -20.92 18.37
CA MET A 604 -6.76 -20.05 18.25
C MET A 604 -5.61 -20.39 19.24
N ASP A 605 -5.93 -20.65 20.50
CA ASP A 605 -4.99 -21.36 21.38
C ASP A 605 -5.31 -22.86 21.36
N MET A 606 -4.28 -23.67 21.20
CA MET A 606 -4.45 -25.12 21.04
C MET A 606 -4.73 -25.78 22.39
N ALA A 607 -4.90 -24.95 23.42
CA ALA A 607 -4.95 -25.38 24.84
C ALA A 607 -6.38 -25.65 25.38
N ALA A 608 -7.37 -24.93 24.87
CA ALA A 608 -8.78 -25.24 25.11
C ALA A 608 -9.36 -25.90 23.87
N VAL B 5 29.78 4.95 -29.90
CA VAL B 5 30.97 5.42 -29.14
C VAL B 5 30.92 4.94 -27.65
N CYS B 6 30.11 5.62 -26.82
CA CYS B 6 30.02 5.31 -25.36
C CYS B 6 28.97 4.26 -25.02
N ASP B 7 27.90 4.23 -25.82
CA ASP B 7 26.78 3.29 -25.70
C ASP B 7 27.28 1.85 -25.72
N VAL B 8 28.38 1.60 -26.43
CA VAL B 8 28.89 0.25 -26.71
C VAL B 8 29.78 -0.31 -25.59
N PHE B 9 30.68 0.53 -25.08
CA PHE B 9 31.62 0.10 -24.04
C PHE B 9 31.09 0.26 -22.62
N ASP B 10 29.85 0.76 -22.47
CA ASP B 10 29.23 0.88 -21.17
C ASP B 10 30.14 1.63 -20.18
N ILE B 11 30.49 2.87 -20.54
CA ILE B 11 31.29 3.70 -19.66
C ILE B 11 30.40 4.66 -18.86
N TYR B 12 30.50 4.58 -17.54
CA TYR B 12 29.70 5.40 -16.63
C TYR B 12 30.61 6.15 -15.66
N ALA B 13 30.17 7.33 -15.21
CA ALA B 13 30.86 8.01 -14.12
C ALA B 13 30.13 7.71 -12.82
N ILE B 14 30.86 7.63 -11.71
CA ILE B 14 30.24 7.57 -10.39
C ILE B 14 30.86 8.58 -9.42
N CYS B 15 30.05 9.45 -8.84
CA CYS B 15 30.55 10.45 -7.90
C CYS B 15 29.73 10.67 -6.62
N ALA B 16 30.29 11.55 -5.80
CA ALA B 16 29.70 12.07 -4.56
C ALA B 16 30.02 13.55 -4.54
N CYS B 17 29.01 14.38 -4.33
CA CYS B 17 29.21 15.81 -4.28
C CYS B 17 28.42 16.41 -3.13
N CYS B 18 29.11 17.18 -2.31
CA CYS B 18 28.52 17.92 -1.20
C CYS B 18 28.16 19.33 -1.66
N LYS B 19 27.70 20.16 -0.74
CA LYS B 19 27.48 21.55 -1.05
C LYS B 19 28.77 22.30 -0.70
N VAL B 20 28.99 23.43 -1.37
CA VAL B 20 30.18 24.25 -1.13
C VAL B 20 29.89 25.61 -0.47
N GLU B 21 30.78 26.00 0.45
CA GLU B 21 30.72 27.29 1.17
C GLU B 21 30.69 28.50 0.24
N SER B 22 29.50 29.09 0.07
CA SER B 22 29.29 30.22 -0.86
C SER B 22 29.81 31.57 -0.35
N GLY B 26 30.76 35.00 0.25
CA GLY B 26 30.16 35.72 1.40
C GLY B 26 28.74 35.28 1.68
N ASN B 29 18.11 35.64 -0.29
CA ASN B 29 17.55 34.52 -1.10
C ASN B 29 18.71 33.73 -1.74
N GLU B 30 18.80 32.43 -1.42
CA GLU B 30 19.73 31.53 -2.11
C GLU B 30 19.00 30.66 -3.13
N VAL B 31 19.61 30.49 -4.29
CA VAL B 31 19.00 29.73 -5.38
C VAL B 31 19.55 28.31 -5.42
N PHE B 32 18.67 27.34 -5.64
CA PHE B 32 19.08 25.95 -5.69
C PHE B 32 18.78 25.34 -7.05
N ASN B 33 19.71 24.50 -7.51
CA ASN B 33 19.53 23.65 -8.69
C ASN B 33 20.42 22.44 -8.57
N ASN B 34 20.52 21.65 -9.63
CA ASN B 34 21.34 20.47 -9.56
C ASN B 34 22.80 20.81 -9.29
N TYR B 35 23.23 21.97 -9.79
CA TYR B 35 24.60 22.46 -9.54
C TYR B 35 24.96 22.72 -8.07
N THR B 36 23.96 22.91 -7.21
CA THR B 36 24.17 23.06 -5.77
C THR B 36 25.10 21.96 -5.21
N PHE B 37 25.04 20.77 -5.81
CA PHE B 37 25.85 19.65 -5.37
C PHE B 37 27.03 19.49 -6.33
N ARG B 38 28.20 19.94 -5.90
CA ARG B 38 29.35 19.99 -6.78
C ARG B 38 30.70 19.88 -6.06
N GLY B 39 30.69 19.76 -4.74
CA GLY B 39 31.93 19.64 -4.01
C GLY B 39 32.52 18.25 -4.16
N LEU B 40 33.69 18.15 -4.78
CA LEU B 40 34.35 16.86 -4.99
C LEU B 40 35.48 16.57 -4.01
N GLY B 41 36.34 17.55 -3.73
CA GLY B 41 37.52 17.29 -2.91
C GLY B 41 38.12 18.52 -2.25
N ASN B 42 38.92 18.27 -1.22
CA ASN B 42 39.67 19.33 -0.51
C ASN B 42 41.05 18.86 -0.03
N LYS B 43 42.07 19.66 -0.34
CA LYS B 43 43.46 19.41 0.09
C LYS B 43 43.96 18.00 -0.34
N GLY B 44 43.59 17.61 -1.56
CA GLY B 44 43.88 16.27 -2.10
C GLY B 44 43.15 15.12 -1.42
N VAL B 45 42.27 15.46 -0.47
CA VAL B 45 41.45 14.46 0.24
C VAL B 45 39.96 14.70 -0.08
N LEU B 46 39.08 13.90 0.54
CA LEU B 46 37.63 14.12 0.49
C LEU B 46 37.21 15.27 1.41
N PRO B 47 36.23 16.11 0.97
CA PRO B 47 35.78 17.27 1.76
C PRO B 47 35.25 16.91 3.17
N TRP B 48 34.60 15.76 3.28
CA TRP B 48 33.99 15.28 4.52
C TRP B 48 34.89 14.27 5.21
N LYS B 49 34.62 13.94 6.47
CA LYS B 49 35.41 12.94 7.20
C LYS B 49 35.18 11.51 6.66
N CYS B 50 34.41 10.71 7.39
CA CYS B 50 33.82 9.49 6.85
C CYS B 50 32.38 9.81 6.47
N ILE B 51 31.92 9.24 5.36
CA ILE B 51 30.48 9.06 5.12
C ILE B 51 30.27 7.61 4.71
N SER B 52 30.08 6.76 5.72
CA SER B 52 30.14 5.33 5.53
C SER B 52 29.13 4.74 4.53
N LEU B 53 27.95 5.36 4.41
CA LEU B 53 26.91 4.82 3.49
C LEU B 53 27.23 5.05 2.04
N ASP B 54 27.89 6.17 1.75
CA ASP B 54 28.37 6.40 0.40
C ASP B 54 29.46 5.42 0.00
N MET B 55 30.29 5.00 0.98
CA MET B 55 31.39 4.08 0.69
C MET B 55 30.83 2.70 0.43
N LYS B 56 29.77 2.35 1.16
CA LYS B 56 29.07 1.11 0.93
C LYS B 56 28.40 1.10 -0.47
N TYR B 57 27.78 2.21 -0.87
CA TYR B 57 27.09 2.26 -2.18
C TYR B 57 28.12 2.05 -3.28
N PHE B 58 29.15 2.87 -3.21
CA PHE B 58 30.25 2.89 -4.13
C PHE B 58 30.85 1.49 -4.35
N ARG B 59 31.24 0.84 -3.25
CA ARG B 59 31.75 -0.54 -3.27
C ARG B 59 30.75 -1.50 -3.91
N ALA B 60 29.48 -1.43 -3.51
CA ALA B 60 28.43 -2.29 -4.07
C ALA B 60 28.18 -2.13 -5.59
N VAL B 61 28.16 -0.89 -6.07
CA VAL B 61 27.90 -0.57 -7.47
C VAL B 61 29.09 -0.92 -8.36
N THR B 62 30.28 -0.48 -7.97
CA THR B 62 31.41 -0.69 -8.85
C THR B 62 31.84 -2.16 -8.88
N THR B 63 31.63 -2.89 -7.78
CA THR B 63 31.98 -4.31 -7.82
C THR B 63 30.96 -5.16 -8.56
N TYR B 64 29.67 -4.90 -8.37
CA TYR B 64 28.63 -5.84 -8.83
C TYR B 64 28.64 -6.15 -10.34
N VAL B 65 28.42 -7.42 -10.65
CA VAL B 65 28.43 -7.92 -12.02
C VAL B 65 27.32 -8.96 -12.18
N ASN B 66 26.75 -9.03 -13.38
CA ASN B 66 25.92 -10.18 -13.74
C ASN B 66 26.48 -10.93 -14.95
N GLU B 67 26.95 -12.15 -14.69
CA GLU B 67 27.58 -13.01 -15.68
C GLU B 67 26.61 -13.41 -16.79
N SER B 68 25.36 -13.69 -16.43
CA SER B 68 24.36 -14.10 -17.39
C SER B 68 23.91 -12.98 -18.35
N LYS B 69 24.48 -11.79 -18.19
CA LYS B 69 24.16 -10.64 -19.05
C LYS B 69 25.42 -10.18 -19.78
N TYR B 70 26.51 -10.91 -19.58
CA TYR B 70 27.77 -10.55 -20.21
C TYR B 70 27.81 -10.91 -21.69
N GLU B 71 27.36 -12.12 -22.03
CA GLU B 71 27.48 -12.61 -23.41
C GLU B 71 26.94 -11.59 -24.41
N LYS B 72 25.81 -10.98 -24.04
CA LYS B 72 25.20 -9.90 -24.83
C LYS B 72 26.18 -8.75 -25.10
N LEU B 73 27.00 -8.40 -24.11
CA LEU B 73 28.00 -7.31 -24.20
C LEU B 73 29.30 -7.69 -24.93
N LYS B 74 29.75 -8.93 -24.72
CA LYS B 74 30.91 -9.49 -25.44
C LYS B 74 30.56 -9.59 -26.93
N TYR B 75 29.31 -9.95 -27.21
CA TYR B 75 28.74 -9.94 -28.55
C TYR B 75 28.88 -8.54 -29.15
N LYS B 76 28.43 -7.54 -28.39
CA LYS B 76 28.39 -6.15 -28.82
C LYS B 76 29.78 -5.54 -29.13
N ARG B 77 30.76 -5.83 -28.28
CA ARG B 77 32.05 -5.16 -28.32
C ARG B 77 33.00 -5.67 -29.42
N CYS B 78 33.00 -6.98 -29.60
CA CYS B 78 33.84 -7.63 -30.60
C CYS B 78 33.35 -7.32 -32.01
N LYS B 79 32.03 -7.43 -32.24
CA LYS B 79 31.44 -7.03 -33.51
C LYS B 79 31.96 -5.65 -33.91
N TYR B 80 31.69 -4.66 -33.07
CA TYR B 80 32.16 -3.30 -33.30
C TYR B 80 33.67 -3.18 -33.59
N LEU B 81 34.53 -3.92 -32.87
CA LEU B 81 35.99 -3.86 -33.06
C LEU B 81 36.44 -3.88 -34.54
N LYS B 97 36.47 -15.53 -14.08
CA LYS B 97 35.97 -14.54 -13.06
C LYS B 97 35.81 -13.11 -13.63
N LEU B 98 34.57 -12.78 -13.99
CA LEU B 98 34.24 -11.50 -14.62
C LEU B 98 34.25 -10.34 -13.63
N GLN B 99 34.84 -9.21 -14.00
CA GLN B 99 34.91 -8.06 -13.11
C GLN B 99 34.66 -6.74 -13.84
N ASN B 100 34.67 -5.64 -13.09
CA ASN B 100 34.45 -4.31 -13.66
C ASN B 100 35.76 -3.55 -13.77
N VAL B 101 35.80 -2.60 -14.70
CA VAL B 101 36.93 -1.70 -14.84
C VAL B 101 36.66 -0.42 -14.07
N VAL B 102 37.62 -0.03 -13.23
CA VAL B 102 37.55 1.24 -12.51
C VAL B 102 38.73 2.17 -12.87
N VAL B 103 38.42 3.40 -13.23
CA VAL B 103 39.39 4.34 -13.81
C VAL B 103 39.55 5.59 -12.95
N MET B 104 40.78 5.93 -12.59
CA MET B 104 40.99 7.18 -11.86
C MET B 104 42.19 8.02 -12.31
N GLY B 105 42.24 9.26 -11.84
CA GLY B 105 43.35 10.16 -12.11
C GLY B 105 44.48 9.87 -11.16
N ARG B 106 45.64 10.47 -11.42
CA ARG B 106 46.78 10.23 -10.56
C ARG B 106 46.47 10.71 -9.16
N THR B 107 46.11 11.99 -9.04
CA THR B 107 45.80 12.61 -7.75
C THR B 107 44.79 11.75 -6.99
N ASN B 108 43.78 11.27 -7.72
CA ASN B 108 42.76 10.40 -7.19
C ASN B 108 43.40 9.18 -6.52
N TRP B 109 44.22 8.45 -7.28
CA TRP B 109 44.89 7.24 -6.76
C TRP B 109 45.81 7.52 -5.56
N GLU B 110 46.61 8.58 -5.63
CA GLU B 110 47.57 8.94 -4.57
C GLU B 110 46.91 9.48 -3.28
N SER B 111 45.59 9.27 -3.16
CA SER B 111 44.82 9.71 -1.98
C SER B 111 44.06 8.57 -1.31
N ILE B 112 43.81 7.50 -2.06
CA ILE B 112 43.19 6.32 -1.51
C ILE B 112 44.20 5.67 -0.58
N PRO B 113 43.75 5.31 0.64
CA PRO B 113 44.60 4.55 1.55
C PRO B 113 45.02 3.19 0.98
N LYS B 114 46.33 2.94 1.03
CA LYS B 114 46.96 1.73 0.50
C LYS B 114 46.34 0.40 0.94
N LYS B 115 45.75 0.38 2.13
CA LYS B 115 45.11 -0.84 2.65
C LYS B 115 43.84 -1.17 1.85
N PHE B 116 43.44 -0.24 0.97
CA PHE B 116 42.33 -0.44 0.03
C PHE B 116 42.84 -0.69 -1.40
N LYS B 117 44.08 -0.28 -1.68
CA LYS B 117 44.75 -0.56 -2.96
C LYS B 117 45.53 -1.89 -2.88
N PRO B 118 45.35 -2.77 -3.89
CA PRO B 118 44.49 -2.58 -5.07
C PRO B 118 43.00 -2.79 -4.75
N LEU B 119 42.15 -2.00 -5.40
CA LEU B 119 40.71 -2.01 -5.14
C LEU B 119 40.09 -3.41 -5.30
N SER B 120 39.92 -4.08 -4.17
CA SER B 120 39.46 -5.47 -4.12
C SER B 120 38.41 -5.80 -5.18
N ASN B 121 38.69 -6.82 -5.98
CA ASN B 121 37.75 -7.34 -6.99
C ASN B 121 37.51 -6.46 -8.21
N ARG B 122 38.39 -5.51 -8.50
CA ARG B 122 38.19 -4.64 -9.65
C ARG B 122 39.44 -4.46 -10.49
N ILE B 123 39.27 -4.49 -11.81
CA ILE B 123 40.36 -4.21 -12.73
C ILE B 123 40.79 -2.75 -12.55
N ASN B 124 41.74 -2.56 -11.63
CA ASN B 124 42.29 -1.25 -11.30
C ASN B 124 43.04 -0.63 -12.47
N VAL B 125 42.71 0.61 -12.80
CA VAL B 125 43.31 1.35 -13.92
C VAL B 125 43.59 2.78 -13.52
N ILE B 126 44.78 3.28 -13.87
CA ILE B 126 45.18 4.66 -13.55
C ILE B 126 45.48 5.48 -14.81
N LEU B 127 44.97 6.70 -14.87
CA LEU B 127 45.21 7.61 -15.99
C LEU B 127 46.14 8.76 -15.56
N SER B 128 47.42 8.61 -15.90
CA SER B 128 48.49 9.51 -15.48
C SER B 128 49.47 9.72 -16.63
N ARG B 129 50.42 10.62 -16.43
CA ARG B 129 51.57 10.76 -17.33
C ARG B 129 52.88 10.50 -16.57
N THR B 130 53.15 11.30 -15.53
CA THR B 130 54.40 11.30 -14.76
C THR B 130 55.02 9.93 -14.44
N LEU B 131 54.18 8.90 -14.30
CA LEU B 131 54.67 7.57 -13.94
C LEU B 131 54.12 6.51 -14.91
N LYS B 132 54.77 5.34 -14.94
CA LYS B 132 54.30 4.21 -15.76
C LYS B 132 54.54 2.82 -15.13
N LYS B 133 54.43 1.78 -15.95
CA LYS B 133 54.63 0.38 -15.53
C LYS B 133 56.05 0.12 -15.01
N GLU B 134 56.96 1.08 -15.24
CA GLU B 134 58.32 1.04 -14.66
C GLU B 134 58.33 1.24 -13.13
N ASP B 135 57.26 1.85 -12.60
CA ASP B 135 57.07 2.05 -11.16
C ASP B 135 56.27 0.91 -10.53
N PHE B 136 55.03 0.73 -11.01
CA PHE B 136 54.08 -0.26 -10.47
C PHE B 136 53.90 -1.46 -11.41
N ASP B 137 53.33 -2.55 -10.89
CA ASP B 137 53.22 -3.82 -11.63
C ASP B 137 52.26 -3.82 -12.84
N GLU B 138 51.98 -5.01 -13.39
CA GLU B 138 51.21 -5.16 -14.64
C GLU B 138 49.79 -5.73 -14.45
N ASP B 139 49.55 -6.32 -13.28
CA ASP B 139 48.21 -6.73 -12.87
C ASP B 139 47.30 -5.50 -12.72
N VAL B 140 47.85 -4.45 -12.11
CA VAL B 140 47.26 -3.11 -12.06
C VAL B 140 47.66 -2.40 -13.36
N TYR B 141 46.74 -1.69 -14.00
CA TYR B 141 47.04 -1.04 -15.29
C TYR B 141 47.32 0.44 -15.16
N ILE B 142 48.24 0.93 -15.99
CA ILE B 142 48.52 2.36 -16.12
C ILE B 142 48.47 2.71 -17.61
N ILE B 143 47.86 3.85 -17.94
CA ILE B 143 47.64 4.22 -19.34
C ILE B 143 47.95 5.70 -19.67
N ASN B 144 48.26 5.94 -20.94
CA ASN B 144 48.84 7.19 -21.42
C ASN B 144 47.87 8.39 -21.52
N LYS B 145 46.78 8.22 -22.26
CA LYS B 145 45.84 9.30 -22.56
C LYS B 145 44.39 8.81 -22.64
N VAL B 146 43.46 9.78 -22.74
CA VAL B 146 42.01 9.52 -22.76
C VAL B 146 41.62 8.43 -23.77
N GLU B 147 41.96 8.65 -25.04
CA GLU B 147 41.71 7.61 -26.03
C GLU B 147 42.92 6.69 -26.16
N ASP B 148 43.27 6.08 -25.02
CA ASP B 148 44.22 4.98 -24.94
C ASP B 148 43.63 3.93 -23.98
N LEU B 149 42.34 4.12 -23.66
CA LEU B 149 41.60 3.22 -22.78
C LEU B 149 40.61 2.40 -23.59
N ILE B 150 39.90 3.06 -24.52
CA ILE B 150 39.03 2.37 -25.47
C ILE B 150 39.80 1.22 -26.09
N VAL B 151 40.96 1.54 -26.68
CA VAL B 151 41.91 0.55 -27.19
C VAL B 151 42.10 -0.58 -26.17
N LEU B 152 42.33 -0.20 -24.92
CA LEU B 152 42.60 -1.16 -23.83
C LEU B 152 41.36 -1.96 -23.42
N LEU B 153 40.20 -1.56 -23.91
CA LEU B 153 38.96 -2.24 -23.53
C LEU B 153 38.52 -3.34 -24.50
N GLY B 154 38.99 -3.25 -25.74
CA GLY B 154 38.91 -4.38 -26.69
C GLY B 154 39.72 -5.54 -26.16
N LYS B 155 40.94 -5.24 -25.71
CA LYS B 155 41.82 -6.21 -25.07
C LYS B 155 41.20 -6.88 -23.86
N LEU B 156 40.16 -6.25 -23.31
CA LEU B 156 39.67 -6.61 -22.00
C LEU B 156 38.31 -7.31 -21.96
N ASN B 157 38.16 -8.11 -20.92
CA ASN B 157 37.02 -8.96 -20.65
C ASN B 157 36.42 -8.47 -19.29
N TYR B 158 35.43 -7.58 -19.37
CA TYR B 158 34.91 -6.85 -18.22
C TYR B 158 33.41 -6.63 -18.34
N TYR B 159 32.72 -6.42 -17.21
CA TYR B 159 31.28 -6.12 -17.25
C TYR B 159 31.00 -4.68 -17.69
N LYS B 160 31.15 -3.73 -16.76
CA LYS B 160 30.95 -2.31 -17.07
C LYS B 160 32.19 -1.52 -16.66
N CYS B 161 32.28 -0.28 -17.12
CA CYS B 161 33.46 0.53 -16.85
C CYS B 161 33.13 1.83 -16.11
N PHE B 162 33.69 1.99 -14.91
CA PHE B 162 33.33 3.08 -14.03
C PHE B 162 34.45 4.09 -13.87
N ILE B 163 34.12 5.36 -14.11
CA ILE B 163 35.06 6.45 -13.91
C ILE B 163 34.94 7.03 -12.49
N LEU B 164 35.73 6.50 -11.56
CA LEU B 164 35.81 6.97 -10.19
C LEU B 164 36.28 8.41 -10.09
N GLY B 165 36.60 8.99 -11.24
CA GLY B 165 36.95 10.40 -11.37
C GLY B 165 38.26 10.97 -10.85
N GLY B 166 38.13 12.06 -10.11
CA GLY B 166 39.15 13.08 -9.99
C GLY B 166 38.58 14.18 -10.84
N SER B 167 38.73 15.41 -10.41
CA SER B 167 38.01 16.49 -11.07
C SER B 167 38.22 16.54 -12.58
N VAL B 168 39.48 16.46 -13.02
CA VAL B 168 39.83 16.61 -14.44
C VAL B 168 39.43 15.39 -15.28
N VAL B 169 39.66 14.20 -14.70
CA VAL B 169 39.18 12.95 -15.31
C VAL B 169 37.71 13.05 -15.71
N TYR B 170 36.85 13.41 -14.75
CA TYR B 170 35.44 13.65 -15.01
C TYR B 170 35.29 14.65 -16.12
N GLN B 171 35.99 15.77 -15.93
CA GLN B 171 35.86 16.90 -16.81
C GLN B 171 36.05 16.48 -18.26
N GLU B 172 37.23 15.90 -18.54
CA GLU B 172 37.64 15.49 -19.89
C GLU B 172 36.84 14.33 -20.47
N PHE B 173 36.37 13.45 -19.61
CA PHE B 173 35.51 12.36 -20.05
C PHE B 173 34.10 12.80 -20.47
N LEU B 174 33.55 13.78 -19.75
CA LEU B 174 32.27 14.35 -20.13
C LEU B 174 32.45 15.19 -21.39
N GLU B 175 33.58 15.90 -21.44
CA GLU B 175 33.99 16.68 -22.62
C GLU B 175 33.97 15.86 -23.91
N LYS B 176 34.61 14.68 -23.87
CA LYS B 176 34.71 13.79 -25.04
C LYS B 176 33.42 13.00 -25.34
N LYS B 177 32.45 13.10 -24.44
CA LYS B 177 31.13 12.46 -24.62
C LYS B 177 31.23 10.94 -24.54
N LEU B 178 32.05 10.50 -23.59
CA LEU B 178 32.26 9.08 -23.31
C LEU B 178 31.54 8.59 -22.05
N ILE B 179 30.45 9.25 -21.64
CA ILE B 179 29.73 8.86 -20.41
C ILE B 179 28.23 8.60 -20.62
N LYS B 180 27.81 7.36 -20.34
CA LYS B 180 26.43 6.93 -20.55
C LYS B 180 25.51 7.22 -19.32
N LYS B 181 25.91 6.71 -18.16
CA LYS B 181 25.19 6.99 -16.92
C LYS B 181 26.11 7.62 -15.86
N ILE B 182 25.62 8.67 -15.20
CA ILE B 182 26.31 9.18 -14.01
C ILE B 182 25.57 8.76 -12.77
N TYR B 183 26.26 8.00 -11.92
CA TYR B 183 25.71 7.62 -10.63
C TYR B 183 26.16 8.67 -9.63
N PHE B 184 25.20 9.39 -9.07
CA PHE B 184 25.52 10.63 -8.42
C PHE B 184 24.97 10.68 -7.01
N THR B 185 25.87 10.66 -6.03
CA THR B 185 25.48 10.76 -4.61
C THR B 185 25.39 12.20 -4.20
N ARG B 186 24.21 12.63 -3.76
CA ARG B 186 24.05 13.98 -3.22
C ARG B 186 24.26 13.98 -1.71
N ILE B 187 25.36 14.60 -1.26
CA ILE B 187 25.64 14.71 0.18
C ILE B 187 25.01 16.00 0.62
N ASN B 188 23.98 15.94 1.48
CA ASN B 188 23.26 17.17 1.82
C ASN B 188 23.86 17.92 3.02
N SER B 189 25.12 18.31 2.88
CA SER B 189 25.81 19.21 3.80
C SER B 189 26.95 19.98 3.13
N THR B 190 27.47 20.96 3.86
CA THR B 190 28.41 21.93 3.29
C THR B 190 29.81 21.73 3.86
N TYR B 191 30.81 21.72 2.99
CA TYR B 191 32.21 21.56 3.42
C TYR B 191 33.13 22.46 2.58
N GLU B 192 34.32 22.75 3.10
CA GLU B 192 35.28 23.53 2.32
C GLU B 192 35.87 22.60 1.25
N CYS B 193 36.00 23.12 0.03
CA CYS B 193 36.42 22.34 -1.16
C CYS B 193 37.37 23.09 -2.13
N ASP B 194 38.41 22.39 -2.61
CA ASP B 194 39.29 22.93 -3.69
C ASP B 194 38.96 22.48 -5.12
N VAL B 195 38.19 21.39 -5.28
CA VAL B 195 37.80 20.92 -6.62
C VAL B 195 36.31 20.57 -6.75
N PHE B 196 35.76 20.85 -7.94
CA PHE B 196 34.34 20.63 -8.19
C PHE B 196 34.07 19.71 -9.39
N PHE B 197 32.95 19.00 -9.34
CA PHE B 197 32.42 18.27 -10.49
C PHE B 197 31.95 19.31 -11.50
N PRO B 198 32.06 19.02 -12.81
CA PRO B 198 31.61 20.04 -13.76
C PRO B 198 30.10 20.19 -13.81
N GLU B 199 29.64 21.31 -14.34
CA GLU B 199 28.23 21.54 -14.59
C GLU B 199 27.77 20.42 -15.52
N ILE B 200 26.60 19.87 -15.25
CA ILE B 200 26.02 18.88 -16.13
C ILE B 200 24.93 19.52 -16.96
N ASN B 201 25.11 19.52 -18.28
CA ASN B 201 24.14 20.18 -19.15
C ASN B 201 22.87 19.37 -19.19
N GLU B 202 21.81 19.96 -18.65
CA GLU B 202 20.52 19.29 -18.53
C GLU B 202 19.80 19.11 -19.88
N ASN B 203 20.46 19.52 -20.96
CA ASN B 203 19.99 19.20 -22.30
C ASN B 203 20.71 17.95 -22.79
N GLU B 204 21.90 17.71 -22.24
CA GLU B 204 22.68 16.50 -22.52
C GLU B 204 22.34 15.28 -21.65
N TYR B 205 22.23 15.47 -20.33
CA TYR B 205 21.87 14.39 -19.38
C TYR B 205 20.55 14.64 -18.66
N GLN B 206 19.83 13.57 -18.34
CA GLN B 206 18.65 13.69 -17.48
C GLN B 206 18.52 12.59 -16.41
N ILE B 207 17.99 12.99 -15.26
CA ILE B 207 17.79 12.10 -14.12
C ILE B 207 16.65 11.17 -14.45
N ILE B 208 16.88 9.85 -14.34
CA ILE B 208 15.79 8.88 -14.49
C ILE B 208 15.50 8.08 -13.23
N SER B 209 16.32 8.25 -12.20
CA SER B 209 16.05 7.60 -10.93
C SER B 209 16.59 8.39 -9.78
N VAL B 210 15.89 8.29 -8.66
CA VAL B 210 16.19 8.99 -7.41
C VAL B 210 15.89 8.02 -6.29
N SER B 211 16.81 7.84 -5.36
CA SER B 211 16.66 6.80 -4.32
C SER B 211 15.92 7.30 -3.06
N ASP B 212 15.70 6.39 -2.12
CA ASP B 212 15.31 6.74 -0.77
C ASP B 212 16.30 7.75 -0.11
N VAL B 213 15.89 8.44 0.95
CA VAL B 213 16.76 9.40 1.65
C VAL B 213 17.26 8.74 2.94
N TYR B 214 18.49 9.08 3.33
CA TYR B 214 19.20 8.33 4.36
C TYR B 214 19.92 9.30 5.19
N THR B 215 20.14 8.91 6.45
CA THR B 215 21.08 9.64 7.31
C THR B 215 22.32 8.82 7.50
N SER B 216 23.46 9.39 7.15
CA SER B 216 24.76 8.78 7.47
C SER B 216 25.72 9.82 8.03
N ASN B 217 26.38 9.44 9.13
CA ASN B 217 27.39 10.32 9.74
C ASN B 217 26.92 11.76 9.81
N ASN B 218 25.75 11.96 10.41
CA ASN B 218 25.25 13.30 10.72
C ASN B 218 24.86 14.15 9.52
N THR B 219 24.61 13.48 8.40
CA THR B 219 24.15 14.15 7.19
C THR B 219 23.17 13.24 6.43
N THR B 220 22.22 13.89 5.75
CA THR B 220 21.35 13.16 4.88
C THR B 220 21.98 13.16 3.51
N LEU B 221 21.61 12.13 2.75
CA LEU B 221 22.05 12.01 1.37
C LEU B 221 21.07 11.16 0.60
N ASP B 222 21.07 11.32 -0.72
CA ASP B 222 20.44 10.40 -1.63
C ASP B 222 21.31 10.17 -2.87
N PHE B 223 20.82 9.26 -3.71
CA PHE B 223 21.55 8.75 -4.83
C PHE B 223 20.65 8.90 -5.98
N ILE B 224 21.13 9.59 -6.99
CA ILE B 224 20.37 9.77 -8.22
C ILE B 224 21.18 9.23 -9.38
N ILE B 225 20.50 9.01 -10.50
CA ILE B 225 21.14 8.39 -11.65
C ILE B 225 20.86 9.21 -12.89
N TYR B 226 21.92 9.70 -13.53
CA TYR B 226 21.76 10.42 -14.77
C TYR B 226 21.89 9.49 -15.98
N LYS B 227 21.11 9.80 -17.03
CA LYS B 227 21.14 9.07 -18.28
C LYS B 227 21.31 10.09 -19.41
N LYS B 228 22.27 9.83 -20.29
CA LYS B 228 22.46 10.58 -21.54
C LYS B 228 21.15 10.57 -22.36
N THR B 229 20.78 11.72 -22.91
CA THR B 229 19.52 11.84 -23.65
C THR B 229 19.64 11.31 -25.08
N ASN B 230 18.50 10.89 -25.65
CA ASN B 230 18.43 10.37 -27.01
C ASN B 230 17.92 11.45 -27.97
N ASN B 231 18.67 12.56 -28.02
CA ASN B 231 18.32 13.72 -28.84
C ASN B 231 19.05 13.78 -30.18
N LYS B 232 18.98 12.67 -30.94
CA LYS B 232 19.71 12.47 -32.22
C LYS B 232 21.24 12.40 -32.08
N ASP B 283 9.62 -17.56 -14.67
CA ASP B 283 9.18 -18.16 -15.96
C ASP B 283 8.19 -17.25 -16.71
N ASP B 284 8.10 -17.47 -18.02
CA ASP B 284 7.19 -16.77 -18.94
C ASP B 284 5.76 -17.35 -18.91
N GLU B 285 5.62 -18.46 -18.20
CA GLU B 285 4.34 -19.07 -17.85
C GLU B 285 3.53 -18.03 -17.09
N GLU B 286 4.14 -17.52 -16.03
CA GLU B 286 3.50 -16.62 -15.08
C GLU B 286 3.37 -15.19 -15.65
N GLU B 287 4.22 -14.83 -16.61
CA GLU B 287 4.13 -13.53 -17.28
C GLU B 287 2.86 -13.41 -18.12
N ASP B 288 2.37 -14.54 -18.63
CA ASP B 288 1.07 -14.63 -19.31
C ASP B 288 -0.07 -14.63 -18.30
N ASP B 289 0.14 -15.41 -17.24
CA ASP B 289 -0.83 -15.53 -16.20
C ASP B 289 -1.20 -14.17 -15.60
N PHE B 290 -0.21 -13.28 -15.52
CA PHE B 290 -0.39 -11.89 -15.08
C PHE B 290 -1.37 -11.10 -15.97
N VAL B 291 -1.22 -11.26 -17.29
CA VAL B 291 -2.14 -10.65 -18.25
C VAL B 291 -3.57 -11.15 -18.06
N TYR B 292 -3.75 -12.45 -17.83
CA TYR B 292 -5.10 -12.99 -17.61
C TYR B 292 -5.79 -12.32 -16.42
N PHE B 293 -5.12 -12.29 -15.26
CA PHE B 293 -5.66 -11.66 -14.06
C PHE B 293 -6.03 -10.20 -14.24
N ASN B 294 -5.53 -9.61 -15.32
CA ASN B 294 -5.83 -8.25 -15.70
C ASN B 294 -6.95 -8.08 -16.74
N PHE B 295 -7.57 -9.18 -17.16
CA PHE B 295 -8.59 -9.18 -18.19
C PHE B 295 -9.71 -8.17 -18.01
N ASN B 296 -9.93 -7.69 -16.78
CA ASN B 296 -11.06 -6.80 -16.49
C ASN B 296 -10.70 -5.35 -16.13
N LYS B 297 -9.44 -4.96 -16.30
CA LYS B 297 -8.97 -3.63 -15.94
C LYS B 297 -9.67 -2.48 -16.67
N GLU B 298 -9.81 -1.36 -15.95
CA GLU B 298 -10.60 -0.20 -16.39
C GLU B 298 -9.98 0.50 -17.62
N LYS B 304 -8.27 8.36 -16.67
CA LYS B 304 -9.73 8.68 -16.50
C LYS B 304 -10.13 10.18 -16.69
N ASN B 305 -9.34 11.10 -16.14
CA ASN B 305 -9.66 12.54 -16.15
C ASN B 305 -8.95 13.34 -17.25
N SER B 306 -9.44 14.57 -17.49
CA SER B 306 -8.99 15.48 -18.58
C SER B 306 -7.62 16.13 -18.34
N ILE B 307 -6.72 15.31 -17.83
CA ILE B 307 -5.32 15.67 -17.68
C ILE B 307 -4.51 14.84 -18.69
N HIS B 308 -3.55 15.50 -19.34
CA HIS B 308 -2.86 14.95 -20.49
C HIS B 308 -1.55 14.20 -20.15
N PRO B 309 -0.97 13.48 -21.13
CA PRO B 309 0.28 12.76 -20.80
C PRO B 309 1.53 13.65 -20.89
N ASN B 310 1.61 14.44 -21.94
CA ASN B 310 2.80 15.20 -22.25
C ASN B 310 3.08 16.33 -21.26
N ASP B 311 2.15 16.57 -20.35
CA ASP B 311 2.34 17.53 -19.27
C ASP B 311 3.13 16.94 -18.12
N PHE B 312 3.09 15.62 -18.00
CA PHE B 312 3.85 14.89 -16.98
C PHE B 312 5.12 14.23 -17.51
N GLN B 313 5.79 14.92 -18.42
CA GLN B 313 6.94 14.35 -19.11
C GLN B 313 7.97 13.85 -18.10
N ILE B 314 8.51 14.77 -17.32
CA ILE B 314 9.59 14.47 -16.41
C ILE B 314 9.17 13.44 -15.36
N TYR B 315 7.97 13.61 -14.81
CA TYR B 315 7.41 12.69 -13.83
C TYR B 315 7.27 11.26 -14.36
N ASN B 316 6.90 11.13 -15.62
CA ASN B 316 6.68 9.81 -16.18
C ASN B 316 7.99 9.21 -16.66
N SER B 317 8.95 10.08 -16.97
CA SER B 317 10.22 9.65 -17.54
C SER B 317 11.19 9.18 -16.46
N LEU B 318 10.68 8.91 -15.26
CA LEU B 318 11.53 8.42 -14.19
C LEU B 318 11.18 6.99 -13.96
N LYS B 319 12.20 6.14 -13.92
CA LYS B 319 11.96 4.72 -13.67
C LYS B 319 11.82 4.47 -12.17
N TYR B 320 12.83 4.86 -11.40
CA TYR B 320 12.80 4.57 -9.96
C TYR B 320 12.59 5.81 -9.10
N LYS B 321 11.47 5.84 -8.41
CA LYS B 321 11.08 7.00 -7.65
C LYS B 321 10.95 6.64 -6.17
N TYR B 322 12.08 6.38 -5.54
CA TYR B 322 12.06 5.83 -4.20
C TYR B 322 12.17 6.90 -3.11
N HIS B 323 12.45 8.14 -3.51
CA HIS B 323 12.47 9.27 -2.59
C HIS B 323 11.10 9.45 -1.87
N PRO B 324 11.10 9.54 -0.52
CA PRO B 324 9.85 9.63 0.28
C PRO B 324 8.92 10.78 -0.17
N GLU B 325 9.46 11.82 -0.79
CA GLU B 325 8.64 12.89 -1.34
C GLU B 325 7.66 12.35 -2.38
N TYR B 326 8.01 11.26 -3.08
CA TYR B 326 7.03 10.61 -4.01
C TYR B 326 5.78 10.01 -3.33
N GLN B 327 5.86 9.77 -2.03
CA GLN B 327 4.64 9.40 -1.35
C GLN B 327 3.57 10.49 -1.41
N TYR B 328 3.97 11.76 -1.47
CA TYR B 328 3.01 12.86 -1.55
C TYR B 328 2.64 13.16 -3.00
N LEU B 329 3.66 13.29 -3.85
CA LEU B 329 3.48 13.51 -5.30
C LEU B 329 2.67 12.43 -6.01
N ASN B 330 2.88 11.15 -5.66
CA ASN B 330 2.11 10.04 -6.25
C ASN B 330 0.64 10.14 -5.91
N ILE B 331 0.33 10.54 -4.67
CA ILE B 331 -1.04 10.87 -4.30
C ILE B 331 -1.65 11.99 -5.17
N ILE B 332 -0.89 13.05 -5.45
CA ILE B 332 -1.34 14.15 -6.34
C ILE B 332 -1.66 13.58 -7.71
N TYR B 333 -0.78 12.71 -8.21
CA TYR B 333 -0.97 12.05 -9.51
C TYR B 333 -2.20 11.23 -9.48
N ASP B 334 -2.33 10.42 -8.44
CA ASP B 334 -3.47 9.52 -8.36
C ASP B 334 -4.81 10.27 -8.33
N ILE B 335 -4.89 11.34 -7.56
CA ILE B 335 -6.12 12.11 -7.52
C ILE B 335 -6.37 12.82 -8.86
N MET B 336 -5.29 13.34 -9.46
CA MET B 336 -5.43 13.97 -10.77
C MET B 336 -5.90 12.99 -11.85
N MET B 337 -5.35 11.77 -11.87
CA MET B 337 -5.80 10.80 -12.85
C MET B 337 -7.13 10.17 -12.49
N ASN B 338 -7.32 9.82 -11.22
CA ASN B 338 -8.46 8.94 -10.87
C ASN B 338 -9.54 9.57 -10.00
N GLY B 339 -9.34 10.85 -9.66
CA GLY B 339 -10.23 11.54 -8.75
C GLY B 339 -11.65 11.71 -9.24
N ASN B 340 -12.59 11.65 -8.30
CA ASN B 340 -13.97 11.97 -8.56
C ASN B 340 -14.19 13.45 -8.53
N LYS B 341 -14.79 13.97 -9.59
CA LYS B 341 -15.27 15.34 -9.67
C LYS B 341 -16.38 15.64 -8.67
N GLN B 342 -16.19 16.73 -7.95
CA GLN B 342 -17.14 17.21 -6.96
C GLN B 342 -17.01 18.72 -6.91
N SER B 343 -18.12 19.40 -6.69
CA SER B 343 -18.07 20.80 -6.26
C SER B 343 -18.40 20.80 -4.76
N ASP B 344 -17.85 21.76 -4.04
CA ASP B 344 -17.76 21.69 -2.58
C ASP B 344 -18.38 22.86 -1.81
N ARG B 345 -18.28 22.77 -0.47
CA ARG B 345 -18.74 23.76 0.53
C ARG B 345 -19.11 25.16 -0.01
N THR B 346 -18.29 25.67 -0.93
CA THR B 346 -18.47 27.02 -1.49
C THR B 346 -18.82 27.04 -2.99
N GLY B 347 -18.52 25.94 -3.69
CA GLY B 347 -18.73 25.84 -5.15
C GLY B 347 -17.47 26.18 -5.94
N VAL B 348 -16.40 25.41 -5.72
CA VAL B 348 -15.08 25.68 -6.33
C VAL B 348 -14.75 24.63 -7.39
N GLY B 349 -14.90 23.36 -7.03
CA GLY B 349 -14.43 22.27 -7.88
C GLY B 349 -13.22 21.65 -7.23
N VAL B 350 -13.30 20.34 -6.98
CA VAL B 350 -12.21 19.56 -6.44
C VAL B 350 -12.26 18.22 -7.10
N LEU B 351 -11.11 17.60 -7.14
CA LEU B 351 -10.99 16.20 -7.42
C LEU B 351 -10.69 15.57 -6.05
N SER B 352 -11.35 14.46 -5.72
CA SER B 352 -11.17 13.81 -4.45
C SER B 352 -11.14 12.27 -4.53
N LYS B 353 -10.39 11.61 -3.64
CA LYS B 353 -10.47 10.15 -3.41
C LYS B 353 -10.49 9.99 -1.91
N PHE B 354 -10.58 8.75 -1.42
CA PHE B 354 -10.86 8.46 -0.01
C PHE B 354 -9.90 7.41 0.55
N GLY B 355 -9.07 7.77 1.53
CA GLY B 355 -8.14 6.78 2.15
C GLY B 355 -6.78 6.63 1.45
N TYR B 356 -5.76 7.35 1.94
CA TYR B 356 -4.37 7.19 1.53
C TYR B 356 -3.56 7.08 2.77
N ILE B 357 -2.35 6.59 2.64
CA ILE B 357 -1.47 6.44 3.79
C ILE B 357 -0.10 6.89 3.32
N MET B 358 0.68 7.55 4.19
CA MET B 358 2.07 7.90 3.93
C MET B 358 2.90 7.58 5.16
N LYS B 359 4.18 7.28 4.96
CA LYS B 359 5.05 6.92 6.07
C LYS B 359 6.35 7.59 5.88
N PHE B 360 6.83 8.24 6.92
CA PHE B 360 8.08 8.98 6.84
C PHE B 360 8.97 8.52 7.96
N ASP B 361 10.23 8.23 7.64
CA ASP B 361 11.14 7.72 8.65
C ASP B 361 11.89 8.83 9.28
N LEU B 362 11.43 9.28 10.44
CA LEU B 362 11.98 10.51 11.03
C LEU B 362 13.41 10.34 11.55
N SER B 363 13.82 9.08 11.75
CA SER B 363 15.19 8.81 12.18
C SER B 363 16.15 9.05 11.03
N GLN B 364 15.64 8.96 9.80
CA GLN B 364 16.47 9.21 8.60
C GLN B 364 16.43 10.60 7.97
N TYR B 365 15.40 11.43 8.27
CA TYR B 365 15.27 12.78 7.66
C TYR B 365 14.04 13.56 8.21
N PHE B 366 14.01 14.85 7.96
CA PHE B 366 12.84 15.63 8.25
C PHE B 366 12.12 15.92 6.96
N PRO B 367 10.87 15.48 6.86
CA PRO B 367 10.13 15.44 5.58
C PRO B 367 9.55 16.78 5.17
N LEU B 368 10.42 17.76 5.00
CA LEU B 368 9.95 19.04 4.55
C LEU B 368 10.07 19.10 3.04
N LEU B 369 8.94 19.29 2.37
CA LEU B 369 8.86 19.13 0.93
C LEU B 369 9.84 20.01 0.20
N THR B 370 10.45 19.49 -0.86
CA THR B 370 11.56 20.17 -1.50
C THR B 370 11.19 20.66 -2.89
N THR B 371 10.06 20.17 -3.41
CA THR B 371 9.63 20.52 -4.76
C THR B 371 8.88 21.85 -4.84
N LYS B 372 8.95 22.61 -3.76
CA LYS B 372 8.46 24.01 -3.69
C LYS B 372 8.92 24.50 -2.34
N LYS B 373 8.97 25.82 -2.14
CA LYS B 373 9.54 26.38 -0.91
C LYS B 373 8.47 26.37 0.19
N LEU B 374 8.80 25.83 1.37
CA LEU B 374 7.90 25.90 2.53
C LEU B 374 8.47 26.76 3.68
N PHE B 375 7.61 27.53 4.34
CA PHE B 375 7.99 28.28 5.55
C PHE B 375 7.44 27.64 6.81
N LEU B 376 8.23 27.59 7.86
CA LEU B 376 7.79 26.86 9.05
C LEU B 376 7.53 27.69 10.35
N ARG B 377 7.81 28.99 10.37
CA ARG B 377 7.67 29.74 11.64
C ARG B 377 6.22 29.69 12.17
N GLY B 378 5.28 29.98 11.28
CA GLY B 378 3.86 29.98 11.63
C GLY B 378 3.38 28.66 12.21
N ILE B 379 3.60 27.55 11.49
CA ILE B 379 3.17 26.24 11.99
C ILE B 379 3.78 25.84 13.32
N ILE B 380 5.04 26.20 13.59
CA ILE B 380 5.60 25.96 14.92
C ILE B 380 4.83 26.77 16.00
N GLU B 381 4.57 28.04 15.72
CA GLU B 381 3.81 28.91 16.62
C GLU B 381 2.39 28.37 16.89
N GLU B 382 1.73 27.84 15.84
CA GLU B 382 0.44 27.19 16.01
C GLU B 382 0.56 26.04 16.99
N LEU B 383 1.62 25.26 16.84
CA LEU B 383 1.81 24.10 17.70
C LEU B 383 2.11 24.53 19.13
N LEU B 384 2.95 25.54 19.30
CA LEU B 384 3.21 26.06 20.64
C LEU B 384 1.93 26.61 21.28
N TRP B 385 1.11 27.29 20.48
CA TRP B 385 -0.24 27.77 20.86
C TRP B 385 -1.17 26.65 21.31
N PHE B 386 -1.19 25.54 20.57
CA PHE B 386 -1.98 24.35 20.91
C PHE B 386 -1.52 23.80 22.27
N ILE B 387 -0.22 23.69 22.46
CA ILE B 387 0.35 23.13 23.70
C ILE B 387 0.01 24.02 24.88
N ARG B 388 -0.05 25.33 24.68
CA ARG B 388 -0.52 26.21 25.74
C ARG B 388 -2.01 25.95 26.07
N GLY B 389 -2.75 25.38 25.12
CA GLY B 389 -4.18 25.15 25.34
C GLY B 389 -4.94 26.40 24.95
N GLU B 390 -4.26 27.30 24.24
CA GLU B 390 -4.87 28.53 23.80
C GLU B 390 -5.97 28.33 22.77
N THR B 391 -7.02 29.15 22.87
CA THR B 391 -8.06 29.25 21.82
C THR B 391 -8.23 30.69 21.30
N ASN B 392 -7.41 31.60 21.81
CA ASN B 392 -7.40 32.98 21.39
C ASN B 392 -6.64 33.16 20.09
N GLY B 393 -7.37 33.44 19.02
CA GLY B 393 -6.76 33.69 17.72
C GLY B 393 -5.88 34.94 17.67
N ASN B 394 -6.08 35.89 18.60
CA ASN B 394 -5.40 37.18 18.57
C ASN B 394 -3.93 36.95 18.93
N THR B 395 -3.67 35.96 19.78
CA THR B 395 -2.30 35.64 20.09
C THR B 395 -1.43 35.37 18.86
N LEU B 396 -2.02 34.70 17.87
CA LEU B 396 -1.34 34.35 16.63
C LEU B 396 -1.28 35.52 15.66
N LEU B 397 -2.38 36.29 15.60
CA LEU B 397 -2.43 37.45 14.71
C LEU B 397 -1.38 38.46 15.12
N ASN B 398 -1.15 38.64 16.41
CA ASN B 398 -0.15 39.61 16.91
C ASN B 398 1.29 39.14 16.58
N LYS B 399 1.43 37.90 16.12
CA LYS B 399 2.75 37.37 15.77
C LYS B 399 2.83 37.18 14.28
N ASN B 400 1.78 37.64 13.60
CA ASN B 400 1.68 37.54 12.14
C ASN B 400 1.56 36.11 11.65
N VAL B 401 0.92 35.30 12.48
CA VAL B 401 0.49 33.97 12.10
C VAL B 401 -1.01 34.01 11.82
N ARG B 402 -1.34 33.98 10.54
CA ARG B 402 -2.67 34.25 10.04
C ARG B 402 -3.40 32.99 9.55
N ILE B 403 -2.97 31.84 10.08
CA ILE B 403 -3.55 30.55 9.70
C ILE B 403 -5.02 30.45 10.11
N TRP B 404 -5.35 31.04 11.26
CA TRP B 404 -6.73 30.98 11.74
C TRP B 404 -7.49 32.26 11.50
N GLU B 405 -6.88 33.19 10.80
CA GLU B 405 -7.56 34.48 10.61
C GLU B 405 -8.97 34.31 10.06
N ALA B 406 -9.09 33.76 8.86
CA ALA B 406 -10.33 33.70 8.16
C ALA B 406 -11.42 32.98 9.00
N ASN B 407 -10.99 32.07 9.89
CA ASN B 407 -11.94 31.31 10.71
C ASN B 407 -12.42 32.08 11.91
N GLY B 408 -11.85 33.27 12.12
CA GLY B 408 -12.16 34.02 13.31
C GLY B 408 -12.91 35.29 13.06
N THR B 409 -13.28 35.54 11.80
CA THR B 409 -13.95 36.81 11.47
C THR B 409 -15.40 36.83 11.93
N ARG B 410 -15.91 38.03 12.20
CA ARG B 410 -17.32 38.23 12.50
C ARG B 410 -18.17 37.43 11.54
N GLU B 411 -17.85 37.54 10.25
CA GLU B 411 -18.69 36.99 9.20
C GLU B 411 -18.56 35.50 9.17
N PHE B 412 -17.35 34.99 9.30
CA PHE B 412 -17.20 33.54 9.32
C PHE B 412 -17.94 32.96 10.52
N LEU B 413 -17.78 33.54 11.70
CA LEU B 413 -18.44 32.93 12.86
C LEU B 413 -19.97 33.03 12.88
N ASP B 414 -20.52 34.11 12.32
CA ASP B 414 -21.98 34.30 12.25
C ASP B 414 -22.56 33.23 11.33
N ASN B 415 -21.80 32.87 10.30
CA ASN B 415 -22.27 31.84 9.37
C ASN B 415 -22.18 30.47 10.01
N ARG B 416 -21.33 30.35 11.03
CA ARG B 416 -21.34 29.17 11.89
C ARG B 416 -22.44 29.23 12.93
N LYS B 417 -23.32 30.22 12.88
CA LYS B 417 -24.38 30.38 13.91
C LYS B 417 -23.81 30.69 15.31
N LEU B 418 -22.60 31.25 15.32
CA LEU B 418 -21.89 31.63 16.51
C LEU B 418 -21.96 33.17 16.68
N PHE B 419 -23.18 33.67 16.75
CA PHE B 419 -23.48 35.10 16.85
C PHE B 419 -23.04 35.69 18.21
N HIS B 420 -22.87 34.85 19.25
CA HIS B 420 -22.47 35.36 20.56
C HIS B 420 -20.97 35.13 20.85
N ARG B 421 -20.19 34.88 19.82
CA ARG B 421 -18.77 34.56 19.97
C ARG B 421 -17.98 35.77 19.56
N GLU B 422 -17.10 36.23 20.42
CA GLU B 422 -16.19 37.32 20.06
C GLU B 422 -15.31 36.94 18.83
N VAL B 423 -15.02 37.92 17.98
CA VAL B 423 -14.16 37.71 16.84
C VAL B 423 -12.80 37.13 17.30
N ASN B 424 -12.32 36.14 16.58
CA ASN B 424 -11.02 35.50 16.84
C ASN B 424 -11.03 34.61 18.07
N ASP B 425 -12.18 34.51 18.70
CA ASP B 425 -12.38 33.49 19.74
C ASP B 425 -12.83 32.17 19.07
N LEU B 426 -11.90 31.27 18.87
CA LEU B 426 -12.15 30.15 17.96
C LEU B 426 -12.96 29.04 18.59
N GLY B 427 -13.19 29.15 19.89
CA GLY B 427 -13.99 28.18 20.59
C GLY B 427 -13.14 27.02 21.10
N PRO B 428 -13.78 25.92 21.57
CA PRO B 428 -13.10 24.76 22.18
C PRO B 428 -12.39 23.86 21.18
N ILE B 429 -11.49 24.46 20.40
CA ILE B 429 -10.68 23.77 19.41
C ILE B 429 -9.44 23.09 20.06
N TYR B 430 -8.52 22.65 19.21
CA TYR B 430 -7.39 21.81 19.58
C TYR B 430 -6.85 22.02 21.00
N GLY B 431 -6.27 23.18 21.22
CA GLY B 431 -5.66 23.51 22.49
C GLY B 431 -6.60 23.25 23.66
N PHE B 432 -7.83 23.70 23.54
CA PHE B 432 -8.78 23.46 24.58
C PHE B 432 -8.94 21.96 24.75
N GLN B 433 -9.15 21.23 23.65
CA GLN B 433 -9.33 19.76 23.73
C GLN B 433 -8.15 19.00 24.30
N TRP B 434 -6.94 19.31 23.86
CA TRP B 434 -5.71 18.64 24.34
C TRP B 434 -5.45 18.84 25.83
N ARG B 435 -5.78 20.04 26.35
CA ARG B 435 -5.54 20.34 27.78
C ARG B 435 -6.78 20.29 28.68
N HIS B 436 -7.99 20.35 28.09
CA HIS B 436 -9.24 20.49 28.88
C HIS B 436 -10.47 19.72 28.38
N PHE B 437 -10.25 18.65 27.61
CA PHE B 437 -11.34 17.92 26.99
C PHE B 437 -12.43 17.70 28.03
N GLY B 438 -13.64 18.18 27.73
CA GLY B 438 -14.73 17.87 28.59
C GLY B 438 -15.10 19.00 29.49
N ALA B 439 -14.19 19.91 29.76
CA ALA B 439 -14.57 21.13 30.46
C ALA B 439 -15.59 21.90 29.63
N GLU B 440 -16.41 22.69 30.29
CA GLU B 440 -17.34 23.60 29.65
C GLU B 440 -16.67 24.86 29.13
N TYR B 441 -16.78 25.14 27.84
CA TYR B 441 -16.13 26.33 27.27
C TYR B 441 -16.93 27.58 27.55
N THR B 442 -16.25 28.65 27.97
CA THR B 442 -16.96 29.89 28.25
C THR B 442 -16.54 30.92 27.27
N ASN B 443 -15.34 31.47 27.42
CA ASN B 443 -14.75 32.32 26.38
C ASN B 443 -13.22 32.13 26.37
N MET B 444 -12.54 32.79 25.43
CA MET B 444 -11.11 32.59 25.28
C MET B 444 -10.26 33.19 26.41
N TYR B 445 -10.86 33.95 27.33
CA TYR B 445 -10.09 34.58 28.43
C TYR B 445 -10.21 33.87 29.79
N ASP B 446 -11.14 32.95 29.89
CA ASP B 446 -11.38 32.29 31.15
C ASP B 446 -10.16 31.50 31.60
N ASN B 447 -10.13 31.20 32.90
CA ASN B 447 -9.13 30.36 33.49
C ASN B 447 -9.71 28.97 33.47
N TYR B 448 -9.03 28.04 32.80
CA TYR B 448 -9.50 26.66 32.79
C TYR B 448 -8.59 25.73 33.60
N GLU B 449 -7.64 26.29 34.35
CA GLU B 449 -6.72 25.46 35.14
C GLU B 449 -7.44 24.36 35.91
N ASN B 450 -6.97 23.13 35.72
CA ASN B 450 -7.57 21.89 36.29
C ASN B 450 -9.00 21.58 35.88
N LYS B 451 -9.46 22.18 34.77
CA LYS B 451 -10.76 21.79 34.24
C LYS B 451 -10.63 20.90 33.01
N GLY B 452 -11.45 19.85 32.99
CA GLY B 452 -11.37 18.79 31.98
C GLY B 452 -10.12 17.94 32.08
N VAL B 453 -10.04 16.99 31.17
CA VAL B 453 -8.95 16.04 31.10
C VAL B 453 -7.76 16.62 30.34
N ASP B 454 -6.59 16.61 30.97
CA ASP B 454 -5.34 17.00 30.31
C ASP B 454 -4.78 15.84 29.55
N GLN B 455 -5.28 15.68 28.33
CA GLN B 455 -4.91 14.59 27.43
C GLN B 455 -3.42 14.58 27.12
N LEU B 456 -2.89 15.77 26.92
CA LEU B 456 -1.48 15.91 26.58
C LEU B 456 -0.57 15.43 27.73
N LYS B 457 -0.86 15.88 28.93
CA LYS B 457 -0.18 15.43 30.10
C LYS B 457 -0.37 13.90 30.19
N ASN B 458 -1.59 13.42 30.06
CA ASN B 458 -1.85 11.97 30.15
C ASN B 458 -1.06 11.13 29.13
N ILE B 459 -0.94 11.60 27.87
CA ILE B 459 -0.21 10.75 26.89
C ILE B 459 1.29 10.79 27.13
N ILE B 460 1.79 11.93 27.59
CA ILE B 460 3.18 11.94 28.02
C ILE B 460 3.41 10.95 29.17
N ASN B 461 2.57 10.91 30.20
CA ASN B 461 2.76 9.96 31.30
C ASN B 461 2.70 8.51 30.86
N LEU B 462 1.73 8.19 30.01
CA LEU B 462 1.62 6.85 29.39
C LEU B 462 2.87 6.42 28.63
N ILE B 463 3.48 7.36 27.91
CA ILE B 463 4.66 7.05 27.13
C ILE B 463 5.85 6.71 28.04
N LYS B 464 6.01 7.40 29.16
CA LYS B 464 7.15 7.21 30.07
C LYS B 464 6.92 6.04 31.00
N ASN B 465 5.67 5.88 31.45
CA ASN B 465 5.38 4.92 32.50
C ASN B 465 4.69 3.64 32.06
N ASP B 466 4.10 3.64 30.87
CA ASP B 466 3.38 2.47 30.39
C ASP B 466 3.55 2.35 28.87
N PRO B 467 4.82 2.28 28.39
CA PRO B 467 5.09 2.56 26.97
C PRO B 467 4.43 1.60 25.96
N THR B 468 4.07 0.40 26.40
CA THR B 468 3.42 -0.57 25.52
C THR B 468 1.89 -0.46 25.54
N SER B 469 1.36 0.57 26.20
CA SER B 469 -0.09 0.78 26.24
C SER B 469 -0.59 0.94 24.82
N ARG B 470 -1.73 0.36 24.51
CA ARG B 470 -2.32 0.64 23.21
C ARG B 470 -3.41 1.74 23.27
N ARG B 471 -3.35 2.59 24.30
CA ARG B 471 -4.35 3.66 24.45
C ARG B 471 -3.70 5.01 24.45
N ILE B 472 -2.51 5.10 23.88
CA ILE B 472 -1.81 6.37 23.87
C ILE B 472 -2.33 7.20 22.70
N LEU B 473 -3.48 7.90 22.91
CA LEU B 473 -4.12 8.69 21.84
C LEU B 473 -4.42 10.09 22.30
N LEU B 474 -4.37 11.05 21.39
CA LEU B 474 -4.64 12.45 21.68
C LEU B 474 -5.74 12.85 20.70
N CYS B 475 -6.95 13.10 21.19
CA CYS B 475 -8.10 13.23 20.30
C CYS B 475 -8.66 14.64 20.31
N ALA B 476 -8.65 15.28 19.15
CA ALA B 476 -9.21 16.64 19.04
C ALA B 476 -10.72 16.65 18.77
N TRP B 477 -11.25 15.55 18.25
CA TRP B 477 -12.65 15.53 17.81
C TRP B 477 -13.64 15.32 18.97
N ASN B 478 -13.97 16.40 19.66
CA ASN B 478 -14.94 16.33 20.74
C ASN B 478 -16.36 16.50 20.17
N VAL B 479 -17.05 15.38 19.98
CA VAL B 479 -18.38 15.37 19.38
C VAL B 479 -19.32 16.40 20.02
N LYS B 480 -19.31 16.47 21.34
CA LYS B 480 -20.14 17.43 22.07
C LYS B 480 -19.87 18.91 21.77
N ASP B 481 -18.62 19.25 21.47
CA ASP B 481 -18.23 20.66 21.32
C ASP B 481 -18.14 21.06 19.87
N LEU B 482 -18.28 20.12 18.94
CA LEU B 482 -18.03 20.41 17.53
C LEU B 482 -18.66 21.72 17.08
N ASP B 483 -19.97 21.87 17.27
CA ASP B 483 -20.75 23.08 16.87
C ASP B 483 -20.31 24.38 17.44
N GLN B 484 -19.77 24.34 18.67
CA GLN B 484 -19.15 25.49 19.29
C GLN B 484 -17.78 25.84 18.70
N MET B 485 -17.10 24.89 18.05
CA MET B 485 -15.80 25.23 17.41
C MET B 485 -15.98 26.13 16.16
N ALA B 486 -15.06 27.09 15.96
CA ALA B 486 -15.07 27.91 14.76
C ALA B 486 -15.20 26.97 13.56
N LEU B 487 -14.38 25.93 13.55
CA LEU B 487 -14.65 24.82 12.66
C LEU B 487 -14.14 23.53 13.28
N PRO B 488 -14.75 22.41 12.94
CA PRO B 488 -14.27 21.15 13.54
C PRO B 488 -12.82 20.77 13.10
N PRO B 489 -12.06 20.10 13.98
CA PRO B 489 -10.69 19.78 13.63
C PRO B 489 -10.58 18.96 12.32
N CYS B 490 -9.68 19.41 11.44
CA CYS B 490 -9.27 18.66 10.24
C CYS B 490 -8.42 17.46 10.73
N HIS B 491 -7.66 17.67 11.81
CA HIS B 491 -6.77 16.63 12.33
C HIS B 491 -7.33 15.85 13.52
N ILE B 492 -7.97 14.72 13.23
CA ILE B 492 -8.82 14.04 14.19
C ILE B 492 -8.08 13.64 15.46
N LEU B 493 -6.99 12.93 15.31
CA LEU B 493 -6.34 12.28 16.45
C LEU B 493 -4.90 11.88 16.12
N CYS B 494 -4.16 11.50 17.15
CA CYS B 494 -2.79 11.07 17.05
C CYS B 494 -2.69 9.85 17.92
N GLN B 495 -2.12 8.76 17.40
CA GLN B 495 -1.83 7.61 18.26
C GLN B 495 -0.32 7.43 18.25
N PHE B 496 0.22 7.09 19.42
CA PHE B 496 1.64 6.86 19.55
C PHE B 496 1.92 5.40 19.80
N TYR B 497 3.14 5.01 19.49
CA TYR B 497 3.61 3.66 19.63
C TYR B 497 5.08 3.72 20.01
N VAL B 498 5.43 2.89 20.97
CA VAL B 498 6.78 2.82 21.52
C VAL B 498 7.38 1.39 21.46
N PHE B 499 8.58 1.26 20.98
CA PHE B 499 9.31 0.01 21.00
C PHE B 499 10.81 0.29 20.93
N ASP B 500 11.56 -0.34 21.83
CA ASP B 500 13.02 -0.31 21.77
C ASP B 500 13.54 1.13 21.77
N GLY B 501 13.06 1.96 22.70
CA GLY B 501 13.49 3.34 22.78
C GLY B 501 13.04 4.24 21.63
N LYS B 502 12.08 3.80 20.83
CA LYS B 502 11.70 4.62 19.68
C LYS B 502 10.22 4.90 19.69
N LEU B 503 9.83 6.07 19.19
CA LEU B 503 8.43 6.50 19.17
C LEU B 503 7.90 6.79 17.77
N SER B 504 6.82 6.08 17.42
CA SER B 504 6.12 6.32 16.14
C SER B 504 4.77 6.93 16.43
N CYS B 505 4.24 7.66 15.45
CA CYS B 505 2.95 8.38 15.57
C CYS B 505 2.09 8.23 14.30
N ILE B 506 0.80 7.98 14.52
CA ILE B 506 -0.20 7.99 13.45
C ILE B 506 -1.11 9.20 13.63
N MET B 507 -1.24 10.01 12.58
CA MET B 507 -2.20 11.08 12.63
C MET B 507 -3.29 10.79 11.61
N TYR B 508 -4.56 10.80 12.07
CA TYR B 508 -5.71 10.65 11.18
C TYR B 508 -6.29 11.99 10.78
N GLN B 509 -6.42 12.21 9.48
CA GLN B 509 -6.91 13.51 8.98
C GLN B 509 -8.17 13.29 8.12
N ARG B 510 -9.27 13.90 8.53
CA ARG B 510 -10.57 13.63 7.91
C ARG B 510 -10.66 14.31 6.57
N SER B 511 -10.04 15.48 6.45
CA SER B 511 -10.14 16.28 5.26
C SER B 511 -8.77 16.91 4.98
N CYS B 512 -8.28 16.67 3.76
CA CYS B 512 -6.90 16.97 3.40
C CYS B 512 -6.92 17.74 2.10
N ASP B 513 -6.58 19.03 2.16
CA ASP B 513 -6.35 19.82 0.95
C ASP B 513 -4.94 19.52 0.50
N LEU B 514 -4.79 18.62 -0.47
CA LEU B 514 -3.48 18.12 -0.83
C LEU B 514 -2.53 19.19 -1.32
N GLY B 515 -3.08 20.21 -1.98
CA GLY B 515 -2.28 21.26 -2.56
C GLY B 515 -1.71 22.26 -1.59
N LEU B 516 -2.52 22.87 -0.72
CA LEU B 516 -1.96 23.85 0.26
C LEU B 516 -1.75 23.30 1.66
N GLY B 517 -2.65 22.43 2.09
CA GLY B 517 -2.68 22.00 3.46
C GLY B 517 -1.67 20.95 3.88
N VAL B 518 -1.66 19.82 3.16
CA VAL B 518 -0.97 18.61 3.60
C VAL B 518 0.56 18.76 3.71
N PRO B 519 1.19 19.55 2.81
CA PRO B 519 2.63 19.80 3.02
C PRO B 519 2.96 20.39 4.38
N PHE B 520 2.10 21.31 4.84
CA PHE B 520 2.20 21.89 6.17
C PHE B 520 1.87 20.85 7.23
N ASN B 521 0.89 19.98 6.95
CA ASN B 521 0.44 19.02 7.97
C ASN B 521 1.51 17.99 8.30
N ILE B 522 2.12 17.45 7.25
CA ILE B 522 3.27 16.60 7.40
C ILE B 522 4.34 17.26 8.30
N ALA B 523 4.74 18.50 8.01
CA ALA B 523 5.80 19.13 8.82
C ALA B 523 5.40 19.25 10.29
N SER B 524 4.17 19.70 10.51
CA SER B 524 3.62 19.94 11.85
C SER B 524 3.70 18.73 12.79
N TYR B 525 3.12 17.61 12.34
CA TYR B 525 3.12 16.40 13.18
C TYR B 525 4.45 15.69 13.23
N SER B 526 5.24 15.84 12.17
CA SER B 526 6.60 15.42 12.27
C SER B 526 7.28 16.14 13.44
N ILE B 527 7.17 17.47 13.51
CA ILE B 527 7.85 18.27 14.53
C ILE B 527 7.32 17.89 15.88
N PHE B 528 5.99 17.82 16.00
CA PHE B 528 5.32 17.37 17.23
C PHE B 528 5.86 16.05 17.72
N THR B 529 6.02 15.10 16.82
CA THR B 529 6.53 13.79 17.17
C THR B 529 7.96 13.86 17.73
N HIS B 530 8.78 14.76 17.15
CA HIS B 530 10.08 15.08 17.73
C HIS B 530 9.90 15.62 19.16
N MET B 531 9.00 16.57 19.30
CA MET B 531 8.86 17.21 20.60
C MET B 531 8.49 16.20 21.66
N ILE B 532 7.49 15.39 21.36
CA ILE B 532 7.07 14.33 22.27
C ILE B 532 8.19 13.31 22.56
N ALA B 533 8.96 12.88 21.54
CA ALA B 533 10.01 11.89 21.77
C ALA B 533 11.06 12.45 22.71
N GLN B 534 11.53 13.66 22.41
CA GLN B 534 12.58 14.26 23.20
C GLN B 534 12.18 14.40 24.68
N VAL B 535 10.94 14.80 24.97
CA VAL B 535 10.53 15.04 26.34
C VAL B 535 10.32 13.74 27.04
N CYS B 536 10.31 12.66 26.27
CA CYS B 536 10.11 11.33 26.83
C CYS B 536 11.39 10.48 26.75
N ASN B 537 12.48 11.09 26.31
CA ASN B 537 13.76 10.35 26.20
C ASN B 537 13.71 9.19 25.23
N LEU B 538 13.11 9.40 24.06
CA LEU B 538 13.05 8.37 23.04
C LEU B 538 13.52 8.97 21.74
N GLN B 539 13.78 8.14 20.74
CA GLN B 539 14.16 8.65 19.42
C GLN B 539 12.94 8.60 18.51
N PRO B 540 12.74 9.63 17.70
CA PRO B 540 11.65 9.51 16.77
C PRO B 540 11.89 8.37 15.77
N ALA B 541 10.82 7.66 15.41
CA ALA B 541 10.86 6.63 14.37
C ALA B 541 9.93 7.02 13.20
N GLN B 542 8.69 6.56 13.16
CA GLN B 542 7.91 6.86 11.97
C GLN B 542 6.78 7.83 12.21
N PHE B 543 6.58 8.73 11.26
CA PHE B 543 5.34 9.48 11.17
C PHE B 543 4.51 8.87 10.07
N ILE B 544 3.29 8.51 10.44
CA ILE B 544 2.35 7.79 9.59
C ILE B 544 1.10 8.65 9.53
N HIS B 545 0.85 9.20 8.35
CA HIS B 545 -0.20 10.16 8.08
C HIS B 545 -1.31 9.38 7.36
N VAL B 546 -2.48 9.27 7.98
CA VAL B 546 -3.65 8.64 7.35
C VAL B 546 -4.61 9.74 6.85
N LEU B 547 -4.98 9.65 5.56
CA LEU B 547 -5.84 10.64 4.91
C LEU B 547 -7.20 10.03 4.61
N GLY B 548 -8.23 10.70 5.09
CA GLY B 548 -9.62 10.36 4.82
C GLY B 548 -10.08 10.91 3.49
N ASN B 549 -10.84 11.99 3.51
CA ASN B 549 -11.22 12.69 2.29
C ASN B 549 -10.01 13.46 1.75
N ALA B 550 -9.47 13.00 0.62
CA ALA B 550 -8.27 13.60 0.07
C ALA B 550 -8.62 14.27 -1.24
N HIS B 551 -8.38 15.57 -1.30
CA HIS B 551 -8.90 16.37 -2.42
C HIS B 551 -7.90 17.42 -2.87
N VAL B 552 -7.89 17.64 -4.18
CA VAL B 552 -7.08 18.68 -4.77
C VAL B 552 -8.06 19.72 -5.30
N TYR B 553 -7.80 21.00 -5.03
CA TYR B 553 -8.63 22.05 -5.59
C TYR B 553 -8.42 22.16 -7.09
N ASN B 554 -9.50 22.24 -7.84
CA ASN B 554 -9.36 22.41 -9.27
C ASN B 554 -8.43 23.52 -9.74
N ASN B 555 -8.50 24.69 -9.09
CA ASN B 555 -7.63 25.80 -9.45
C ASN B 555 -6.18 25.61 -8.97
N HIS B 556 -5.88 24.42 -8.48
CA HIS B 556 -4.54 24.13 -8.01
C HIS B 556 -3.84 23.25 -9.01
N ILE B 557 -4.54 22.91 -10.07
CA ILE B 557 -4.13 21.83 -10.93
C ILE B 557 -2.89 22.22 -11.72
N ASP B 558 -2.85 23.45 -12.22
CA ASP B 558 -1.77 23.84 -13.09
C ASP B 558 -0.50 23.87 -12.28
N SER B 559 -0.61 24.31 -11.04
CA SER B 559 0.55 24.42 -10.20
C SER B 559 1.07 23.05 -9.76
N LEU B 560 0.16 22.13 -9.47
CA LEU B 560 0.58 20.80 -9.07
C LEU B 560 1.27 20.06 -10.23
N LYS B 561 0.88 20.41 -11.45
CA LYS B 561 1.49 19.86 -12.67
C LYS B 561 2.96 20.30 -12.77
N ILE B 562 3.19 21.60 -12.61
CA ILE B 562 4.54 22.12 -12.54
C ILE B 562 5.35 21.41 -11.44
N GLN B 563 4.76 21.24 -10.26
CA GLN B 563 5.46 20.63 -9.13
C GLN B 563 5.82 19.17 -9.37
N LEU B 564 4.95 18.46 -10.10
CA LEU B 564 5.11 17.03 -10.33
C LEU B 564 6.34 16.70 -11.17
N ASN B 565 6.78 17.65 -11.99
CA ASN B 565 7.88 17.41 -12.91
C ASN B 565 9.19 17.95 -12.34
N ARG B 566 9.18 18.25 -11.04
CA ARG B 566 10.38 18.66 -10.34
C ARG B 566 10.94 17.47 -9.61
N ILE B 567 12.26 17.38 -9.59
CA ILE B 567 12.88 16.26 -8.93
C ILE B 567 13.24 16.70 -7.53
N PRO B 568 12.88 15.88 -6.52
CA PRO B 568 13.16 16.30 -5.16
C PRO B 568 14.64 16.30 -4.89
N TYR B 569 15.02 16.97 -3.80
CA TYR B 569 16.38 16.99 -3.27
C TYR B 569 16.44 16.18 -1.97
N PRO B 570 17.65 15.85 -1.50
CA PRO B 570 17.63 15.15 -0.23
C PRO B 570 16.99 16.05 0.83
N PHE B 571 16.26 15.44 1.76
CA PHE B 571 15.49 16.15 2.77
C PHE B 571 16.43 16.85 3.76
N PRO B 572 15.94 17.89 4.45
CA PRO B 572 16.66 18.57 5.51
C PRO B 572 16.62 17.74 6.78
N THR B 573 17.21 18.26 7.87
CA THR B 573 17.05 17.66 9.20
C THR B 573 16.48 18.69 10.15
N LEU B 574 15.85 18.20 11.22
CA LEU B 574 15.32 19.06 12.24
C LEU B 574 16.16 18.96 13.49
N LYS B 575 16.64 20.09 13.97
CA LYS B 575 17.31 20.08 15.28
C LYS B 575 16.47 20.76 16.37
N LEU B 576 16.24 20.03 17.45
CA LEU B 576 15.64 20.65 18.64
C LEU B 576 16.72 21.09 19.62
N ASN B 577 16.43 22.13 20.38
CA ASN B 577 17.28 22.46 21.52
C ASN B 577 17.24 21.28 22.50
N PRO B 578 18.39 20.66 22.78
CA PRO B 578 18.40 19.45 23.59
C PRO B 578 18.12 19.70 25.07
N ASP B 579 18.24 20.97 25.50
CA ASP B 579 18.00 21.38 26.89
C ASP B 579 16.56 21.19 27.32
N ILE B 580 15.63 21.41 26.37
CA ILE B 580 14.20 21.39 26.62
C ILE B 580 13.72 19.98 26.92
N LYS B 581 13.21 19.77 28.13
CA LYS B 581 12.85 18.42 28.61
C LYS B 581 11.40 18.29 29.03
N ASN B 582 10.63 19.37 28.92
CA ASN B 582 9.19 19.27 29.22
C ASN B 582 8.40 19.92 28.12
N ILE B 583 7.29 19.29 27.73
CA ILE B 583 6.56 19.71 26.52
C ILE B 583 6.13 21.18 26.49
N GLU B 584 5.88 21.75 27.65
CA GLU B 584 5.50 23.15 27.75
C GLU B 584 6.65 24.18 27.59
N ASP B 585 7.90 23.73 27.47
CA ASP B 585 9.04 24.65 27.58
C ASP B 585 9.65 25.05 26.25
N PHE B 586 9.07 24.60 25.15
CA PHE B 586 9.62 24.96 23.85
C PHE B 586 9.25 26.38 23.46
N THR B 587 10.20 27.07 22.82
CA THR B 587 9.97 28.41 22.29
C THR B 587 10.40 28.41 20.83
N ILE B 588 10.05 29.46 20.10
CA ILE B 588 10.31 29.48 18.67
C ILE B 588 11.79 29.33 18.31
N SER B 589 12.66 29.59 19.26
CA SER B 589 14.09 29.65 18.96
C SER B 589 14.73 28.29 19.24
N ASP B 590 13.90 27.37 19.71
CA ASP B 590 14.36 26.04 20.04
C ASP B 590 14.28 25.06 18.86
N PHE B 591 13.97 25.57 17.67
CA PHE B 591 13.77 24.75 16.49
C PHE B 591 14.66 25.24 15.36
N THR B 592 15.53 24.37 14.85
CA THR B 592 16.30 24.73 13.65
C THR B 592 16.23 23.63 12.61
N ILE B 593 15.85 24.06 11.41
CA ILE B 593 15.89 23.27 10.19
C ILE B 593 17.27 23.43 9.53
N GLN B 594 17.88 22.32 9.14
CA GLN B 594 19.22 22.40 8.64
C GLN B 594 19.27 21.90 7.20
N ASN B 595 20.07 22.55 6.36
CA ASN B 595 20.29 22.08 5.02
C ASN B 595 19.04 21.92 4.15
N TYR B 596 18.04 22.78 4.38
CA TYR B 596 16.85 22.78 3.59
C TYR B 596 17.22 23.26 2.19
N VAL B 597 17.28 22.31 1.27
CA VAL B 597 17.50 22.55 -0.13
C VAL B 597 16.15 22.29 -0.82
N HIS B 598 15.72 23.26 -1.61
CA HIS B 598 14.37 23.30 -2.10
C HIS B 598 14.28 24.00 -3.45
N HIS B 599 13.26 23.61 -4.21
CA HIS B 599 12.86 24.33 -5.42
C HIS B 599 12.23 25.69 -5.06
N GLU B 600 12.06 26.55 -6.05
CA GLU B 600 11.46 27.85 -5.79
C GLU B 600 9.98 27.77 -5.45
N LYS B 601 9.58 28.70 -4.60
CA LYS B 601 8.20 28.97 -4.21
C LYS B 601 7.23 28.87 -5.38
N ILE B 602 6.12 28.18 -5.15
CA ILE B 602 4.96 28.21 -6.02
C ILE B 602 3.74 28.75 -5.27
N SER B 603 3.01 29.66 -5.92
CA SER B 603 1.66 30.01 -5.50
C SER B 603 0.68 29.03 -6.16
N MET B 604 -0.10 28.36 -5.31
CA MET B 604 -0.99 27.30 -5.78
C MET B 604 -2.15 27.88 -6.61
N ASP B 605 -2.62 29.05 -6.18
CA ASP B 605 -3.61 29.84 -6.92
C ASP B 605 -2.83 30.87 -7.75
N MET B 606 -2.60 30.57 -9.02
CA MET B 606 -1.75 31.39 -9.91
C MET B 606 -2.48 32.57 -10.59
N ALA B 607 -3.43 33.19 -9.88
CA ALA B 607 -4.29 34.25 -10.43
C ALA B 607 -3.74 35.70 -10.36
N ALA B 608 -3.91 36.39 -9.21
CA ALA B 608 -3.56 37.82 -9.05
C ALA B 608 -2.04 38.13 -9.19
NH2 P65 C . -14.18 -24.10 -20.97
C5 P65 C . -14.78 -23.04 -20.38
N4 P65 C . -14.16 -22.39 -19.36
C3 P65 C . -14.73 -21.35 -18.75
NH1 P65 C . -14.03 -20.75 -17.74
N2 P65 C . -15.95 -20.91 -19.14
C6 P65 C . -16.04 -22.62 -20.78
C1 P65 C . -16.63 -21.54 -20.14
CM1 P65 C . -18.00 -21.07 -20.57
O7 P65 C . -16.67 -23.25 -21.80
C8 P65 C . -16.26 -22.96 -23.15
C9 P65 C . -17.07 -23.76 -24.18
C10 P65 C . -18.56 -23.47 -24.07
O11 P65 C . -18.87 -22.25 -24.72
C12 P65 C . -20.13 -21.70 -24.60
C17 P65 C . -21.19 -22.47 -24.11
C16 P65 C . -22.47 -21.94 -24.00
CL3 P65 C . -23.69 -22.70 -23.45
C15 P65 C . -22.66 -20.64 -24.38
CL2 P65 C . -24.08 -20.14 -24.23
C14 P65 C . -21.61 -19.86 -24.91
C13 P65 C . -20.32 -20.39 -25.01
CL1 P65 C . -19.16 -19.59 -25.62
PA NDP D . -17.98 -33.71 -24.12
O1A NDP D . -16.89 -34.25 -23.29
O2A NDP D . -17.86 -32.30 -24.54
O5B NDP D . -18.11 -34.57 -25.48
C5B NDP D . -17.90 -35.97 -25.47
C4B NDP D . -17.93 -36.38 -26.94
O4B NDP D . -16.80 -35.87 -27.64
C3B NDP D . -17.92 -37.89 -27.17
O3B NDP D . -19.22 -38.46 -27.09
C2B NDP D . -17.26 -37.99 -28.52
O2B NDP D . -18.09 -37.50 -29.54
C1B NDP D . -16.24 -36.88 -28.45
N9A NDP D . -14.98 -37.42 -27.91
C8A NDP D . -14.47 -37.27 -26.65
N7A NDP D . -13.29 -37.94 -26.59
C5A NDP D . -13.05 -38.54 -27.79
C6A NDP D . -11.99 -39.33 -28.28
N6A NDP D . -10.75 -39.07 -27.88
N1A NDP D . -12.07 -39.79 -29.58
C2A NDP D . -13.16 -39.44 -30.38
N3A NDP D . -14.18 -38.65 -29.90
C4A NDP D . -14.12 -38.21 -28.62
O3 NDP D . -19.41 -34.02 -23.47
PN NDP D . -19.74 -34.16 -21.91
O1N NDP D . -21.11 -34.72 -21.83
O2N NDP D . -18.55 -34.77 -21.26
O5D NDP D . -19.88 -32.61 -21.48
C5D NDP D . -20.79 -31.72 -22.09
C4D NDP D . -21.41 -30.87 -21.00
O4D NDP D . -20.41 -30.13 -20.30
C3D NDP D . -22.35 -29.86 -21.58
O3D NDP D . -23.35 -29.66 -20.62
C2D NDP D . -21.51 -28.62 -21.70
O2D NDP D . -22.31 -27.47 -21.62
C1D NDP D . -20.62 -28.74 -20.47
N1N NDP D . -19.35 -27.99 -20.58
C2N NDP D . -19.06 -27.12 -19.56
C3N NDP D . -17.83 -26.45 -19.41
C7N NDP D . -17.62 -25.53 -18.23
O7N NDP D . -16.30 -25.14 -17.92
N7N NDP D . -18.67 -25.09 -17.50
C4N NDP D . -16.72 -26.66 -20.42
C5N NDP D . -17.15 -27.61 -21.51
C6N NDP D . -18.41 -28.23 -21.54
P2B NDP D . -19.07 -38.40 -30.42
O1X NDP D . -20.35 -38.53 -29.61
O2X NDP D . -19.38 -37.68 -31.73
O3X NDP D . -18.40 -39.72 -30.70
P PO4 E . -6.50 -2.59 25.03
O1 PO4 E . -5.65 -1.55 25.70
O2 PO4 E . -7.92 -2.05 25.04
O3 PO4 E . -6.01 -2.96 23.66
O4 PO4 E . -6.41 -3.84 25.85
C1 BME F . -35.56 -5.61 37.26
C2 BME F . -36.31 -4.28 37.35
O1 BME F . -34.29 -5.40 36.65
S2 BME F . -36.12 -3.37 35.79
C1 BME G . -9.71 -17.60 -37.81
C2 BME G . -10.20 -18.99 -37.41
O1 BME G . -8.70 -17.67 -38.84
S2 BME G . -11.86 -18.89 -36.67
C1 BME H . -4.95 -27.49 7.12
C2 BME H . -4.07 -26.74 6.13
O1 BME H . -6.19 -26.80 7.23
S2 BME H . -2.90 -25.68 7.02
NH2 P65 I . 33.93 8.35 -7.20
C5 P65 I . 33.29 8.14 -6.03
N4 P65 I . 31.94 7.98 -6.02
C3 P65 I . 31.27 7.76 -4.86
NH1 P65 I . 29.93 7.61 -4.86
N2 P65 I . 31.93 7.69 -3.68
C6 P65 I . 33.98 8.05 -4.82
C1 P65 I . 33.27 7.83 -3.64
CM1 P65 I . 33.96 7.74 -2.30
O7 P65 I . 35.35 8.20 -4.79
C8 P65 I . 36.18 7.04 -4.95
C9 P65 I . 37.64 7.44 -5.19
C10 P65 I . 38.22 8.16 -3.97
O11 P65 I . 38.39 7.18 -2.96
C12 P65 I . 38.79 7.47 -1.69
C17 P65 I . 39.31 8.72 -1.33
C16 P65 I . 39.70 8.95 -0.01
CL3 P65 I . 40.27 10.31 0.38
C15 P65 I . 39.58 7.93 0.93
CL2 P65 I . 39.97 8.12 2.36
C14 P65 I . 39.07 6.69 0.59
C13 P65 I . 38.69 6.47 -0.72
CL1 P65 I . 38.16 5.11 -1.06
PA NDP J . 42.39 13.80 -10.82
O1A NDP J . 41.74 13.11 -11.95
O2A NDP J . 42.34 12.96 -9.60
O5B NDP J . 43.92 14.13 -11.17
C5B NDP J . 44.29 14.74 -12.39
C4B NDP J . 45.53 14.03 -12.89
O4B NDP J . 45.19 12.96 -13.76
C3B NDP J . 46.48 14.93 -13.67
O3B NDP J . 47.40 15.60 -12.82
C2B NDP J . 47.18 13.95 -14.57
O2B NDP J . 48.19 13.31 -13.83
C1B NDP J . 46.10 12.92 -14.84
N9A NDP J . 45.42 13.22 -16.11
C8A NDP J . 44.44 14.15 -16.33
N7A NDP J . 44.10 14.13 -17.64
C5A NDP J . 44.86 13.20 -18.25
C6A NDP J . 44.93 12.75 -19.58
N6A NDP J . 44.34 13.47 -20.54
N1A NDP J . 45.83 11.77 -19.91
C2A NDP J . 46.65 11.21 -18.94
N3A NDP J . 46.58 11.65 -17.63
C4A NDP J . 45.70 12.63 -17.30
O3 NDP J . 41.64 15.22 -10.71
PN NDP J . 41.83 16.28 -9.52
O1N NDP J . 43.25 16.29 -9.07
O2N NDP J . 41.27 17.56 -10.04
O5D NDP J . 40.90 15.74 -8.31
C5D NDP J . 41.40 14.98 -7.22
C4D NDP J . 40.52 15.13 -5.98
O4D NDP J . 39.22 14.62 -6.22
C3D NDP J . 41.04 14.40 -4.74
O3D NDP J . 41.04 15.25 -3.61
C2D NDP J . 40.05 13.28 -4.49
O2D NDP J . 39.88 13.03 -3.10
C1D NDP J . 38.78 13.82 -5.14
N1N NDP J . 37.87 12.75 -5.56
C2N NDP J . 36.55 12.84 -5.21
C3N NDP J . 35.58 12.00 -5.74
C7N NDP J . 34.15 12.14 -5.31
O7N NDP J . 33.16 11.53 -6.10
N7N NDP J . 33.86 12.84 -4.21
C4N NDP J . 35.92 10.93 -6.76
C5N NDP J . 37.38 10.93 -7.07
C6N NDP J . 38.27 11.82 -6.48
P2B NDP J . 49.75 13.41 -14.18
O1X NDP J . 50.41 14.34 -13.19
O2X NDP J . 50.31 12.02 -14.03
O3X NDP J . 49.93 13.93 -15.60
P PO4 K . -14.21 20.95 5.97
O1 PO4 K . -13.80 21.09 7.41
O2 PO4 K . -15.55 20.23 5.94
O3 PO4 K . -13.16 20.19 5.16
O4 PO4 K . -14.36 22.34 5.40
C1 BME L . 4.09 29.17 7.77
C2 BME L . 2.58 29.35 7.56
O1 BME L . 4.37 28.22 8.80
S2 BME L . 2.33 30.13 5.94
#